data_4J3W
#
_entry.id   4J3W
#
_cell.length_a   168.850
_cell.length_b   80.940
_cell.length_c   58.290
_cell.angle_alpha   90.000
_cell.angle_beta   100.820
_cell.angle_gamma   90.000
#
_symmetry.space_group_name_H-M   'C 1 2 1'
#
loop_
_entity.id
_entity.type
_entity.pdbx_description
1 polymer 'Limit dextrinase'
2 branched alpha-D-glucopyranose-(1-4)-alpha-D-glucopyranose-(1-4)-alpha-D-glucopyranose-(1-6)-[alpha-D-glucopyranose-(1-4)]alpha-D-glucopyranose-(1-4)-alpha-D-glucopyranose
3 non-polymer 'CALCIUM ION'
4 non-polymer 'IODIDE ION'
5 water water
#
_entity_poly.entity_id   1
_entity_poly.type   'polypeptide(L)'
_entity_poly.pdbx_seq_one_letter_code
;MGSSHHHHHHSSGLVPRGSHMAFMPDARAYWVTSDLIAWNVGELEAQSVCLYASRAAAMSLSPSNGGIQGYDSKVELQPE
SAGLPETVTQKFPFISSYRAFRVPSSVDVASLVKCQLVVASFGADGKHVDVTGLQLPGVLDDMFAYTGPLGAVFSEDSVS
LHLWAPTAQGVSVCFFDGPAGPALETVQLKESNGVWSVTGPREWENRYYLYEVDVYHPTKAQVLKCLAGDPYARSLSANG
ARTWLVDINNETLKPASWDELADEKPKLDSFSDITIYELHIRDFSAHDGTVDSDSRGGFRAFAYQASAGMEHLRKLSDAG
LTHVHLLPSFHFAGVDDIKSNWKFVDECELATFPPGSDMQQAAVVAIQEEDPYNWGYNPVLWGVPKGSYASDPDGPSRII
EYRQMVQALNRIGLRVVMDVVYNHLDSSGPCGISSVLDKIVPGYYVRRDTNGQIENSAAMNNTASEHFMVDRLIVDDLLN
WAVNYKVDGFRFDLMGHIMKRTMMRAKSALQSLTTDAHGVDGSKIYLYGAGWDFAEVARNQRGINGSQLNMSGTGIGSFN
DRIRDAINGGNPFGNPLQQGFNTGLFLEPNGFYQGNEADTRRSLATYADQIQIGLAGNLRDYVLISHTGEAKKGSEIHTF
DGLPVGYTASPIETINYVSAHDNETLFDVISVKTPMILSVDERCRINHLASSMMALSQGIPFFHAGDEILRSKSIDRDSY
NSGDWFNKLDFTYETNNWGVGLPPSEKNEDNWPLMKPRLENPSFKPAKGHILAALDSFVDILKIRYSSPLFRLSTANDIK
QRVRFHNTGPSLVPGVIVMGIEDARGESPEMAQLDTNFSYVVTVFNVCPHEVSMDIPALASMGFELHPVQVNSSDTLVRK
SAYEAATGRFTVPGRTVSVFVEPRC
;
_entity_poly.pdbx_strand_id   A
#
# COMPACT_ATOMS: atom_id res chain seq x y z
N MET A 24 -0.17 24.78 -13.60
CA MET A 24 1.07 25.30 -14.26
C MET A 24 0.76 25.69 -15.71
N PRO A 25 1.43 26.73 -16.25
CA PRO A 25 1.09 27.22 -17.59
C PRO A 25 1.50 26.28 -18.73
N ASP A 26 1.17 26.70 -19.94
CA ASP A 26 1.49 25.96 -21.16
C ASP A 26 3.00 25.77 -21.30
N ALA A 27 3.45 24.52 -21.31
CA ALA A 27 4.86 24.17 -21.49
C ALA A 27 5.00 22.88 -22.31
N ARG A 28 5.05 23.05 -23.63
CA ARG A 28 5.05 21.92 -24.56
C ARG A 28 6.43 21.51 -25.05
N ALA A 29 7.45 22.31 -24.73
CA ALA A 29 8.83 21.99 -25.07
C ALA A 29 9.56 21.46 -23.84
N TYR A 30 10.60 20.67 -24.07
CA TYR A 30 11.36 20.03 -22.99
C TYR A 30 12.84 20.37 -23.12
N TRP A 31 13.45 20.82 -22.03
CA TRP A 31 14.90 20.99 -21.99
C TRP A 31 15.42 19.67 -21.41
N VAL A 32 15.92 18.80 -22.30
CA VAL A 32 16.20 17.40 -21.94
C VAL A 32 17.65 17.11 -21.54
N THR A 33 18.60 17.87 -22.10
CA THR A 33 20.00 17.81 -21.67
C THR A 33 20.60 19.21 -21.74
N SER A 34 21.83 19.35 -21.23
CA SER A 34 22.53 20.64 -21.26
C SER A 34 22.50 21.30 -22.65
N ASP A 35 22.64 20.50 -23.70
CA ASP A 35 22.74 21.05 -25.04
C ASP A 35 21.55 20.77 -25.98
N LEU A 36 20.49 20.13 -25.48
CA LEU A 36 19.34 19.77 -26.33
C LEU A 36 17.98 20.14 -25.73
N ILE A 37 17.14 20.76 -26.57
CA ILE A 37 15.73 21.00 -26.29
C ILE A 37 14.89 20.17 -27.28
N ALA A 38 13.80 19.57 -26.79
CA ALA A 38 12.90 18.76 -27.62
C ALA A 38 11.54 19.43 -27.73
N TRP A 39 11.01 19.52 -28.95
CA TRP A 39 9.71 20.14 -29.18
C TRP A 39 9.10 19.60 -30.47
N ASN A 40 7.81 19.26 -30.41
CA ASN A 40 7.13 18.59 -31.52
C ASN A 40 6.58 19.60 -32.53
N VAL A 41 7.50 20.20 -33.27
CA VAL A 41 7.15 21.14 -34.34
C VAL A 41 7.57 20.54 -35.68
N GLY A 42 6.95 21.01 -36.76
CA GLY A 42 7.22 20.52 -38.11
C GLY A 42 8.33 21.26 -38.80
N SER A 48 13.45 27.75 -37.35
CA SER A 48 13.40 29.05 -36.69
C SER A 48 12.81 28.96 -35.27
N VAL A 49 13.55 28.31 -34.38
CA VAL A 49 13.16 28.20 -32.97
C VAL A 49 14.14 29.02 -32.12
N CYS A 50 13.61 29.77 -31.15
CA CYS A 50 14.42 30.64 -30.29
CA CYS A 50 14.41 30.64 -30.30
C CYS A 50 14.04 30.47 -28.83
N LEU A 51 15.04 30.60 -27.95
CA LEU A 51 14.87 30.52 -26.50
C LEU A 51 14.96 31.92 -25.91
N TYR A 52 14.04 32.25 -25.01
CA TYR A 52 14.02 33.56 -24.36
C TYR A 52 14.04 33.38 -22.85
N ALA A 53 14.84 34.19 -22.16
CA ALA A 53 14.97 34.10 -20.70
C ALA A 53 14.85 35.45 -20.02
N SER A 54 14.14 35.47 -18.89
CA SER A 54 14.03 36.66 -18.04
C SER A 54 14.23 36.29 -16.56
N ARG A 55 15.31 36.79 -15.98
CA ARG A 55 15.62 36.51 -14.57
C ARG A 55 14.56 37.10 -13.63
N ALA A 56 13.99 38.23 -14.00
CA ALA A 56 12.96 38.88 -13.19
C ALA A 56 11.54 38.36 -13.47
N ALA A 57 11.42 37.37 -14.37
CA ALA A 57 10.13 36.84 -14.83
C ALA A 57 9.23 37.97 -15.34
N ALA A 58 9.76 38.74 -16.30
CA ALA A 58 9.12 39.97 -16.74
C ALA A 58 8.42 39.87 -18.11
N MET A 59 8.46 38.71 -18.75
CA MET A 59 8.01 38.58 -20.15
C MET A 59 6.50 38.56 -20.29
N GLN A 69 8.82 40.04 -25.87
CA GLN A 69 9.26 41.24 -25.15
C GLN A 69 9.58 40.95 -23.68
N GLY A 70 10.52 41.71 -23.12
CA GLY A 70 10.84 41.63 -21.70
C GLY A 70 11.98 40.71 -21.30
N TYR A 71 12.65 40.10 -22.27
CA TYR A 71 13.69 39.11 -21.99
C TYR A 71 15.05 39.76 -21.66
N ASP A 72 15.85 39.04 -20.88
CA ASP A 72 17.24 39.39 -20.61
C ASP A 72 18.17 38.80 -21.67
N SER A 73 17.75 37.68 -22.24
CA SER A 73 18.61 36.88 -23.11
C SER A 73 17.77 36.21 -24.18
N LYS A 74 18.30 36.20 -25.40
CA LYS A 74 17.66 35.57 -26.55
C LYS A 74 18.71 34.65 -27.19
N VAL A 75 18.34 33.40 -27.46
CA VAL A 75 19.26 32.43 -28.02
C VAL A 75 18.61 31.64 -29.14
N GLU A 76 19.20 31.69 -30.33
CA GLU A 76 18.73 30.89 -31.44
C GLU A 76 19.13 29.45 -31.27
N LEU A 77 18.20 28.53 -31.51
CA LEU A 77 18.45 27.10 -31.41
C LEU A 77 18.42 26.49 -32.78
N GLN A 78 19.52 25.87 -33.20
CA GLN A 78 19.53 25.24 -34.51
C GLN A 78 19.06 23.79 -34.42
N PRO A 79 18.35 23.32 -35.46
CA PRO A 79 17.90 21.93 -35.45
C PRO A 79 19.11 21.01 -35.35
N GLU A 80 18.98 19.97 -34.53
CA GLU A 80 20.04 19.00 -34.34
C GLU A 80 19.78 17.84 -35.27
N SER A 81 20.57 17.71 -36.33
CA SER A 81 20.31 16.68 -37.32
C SER A 81 20.52 15.26 -36.77
N ALA A 82 21.29 15.13 -35.69
CA ALA A 82 21.50 13.82 -35.05
C ALA A 82 20.31 13.36 -34.22
N GLY A 83 19.35 14.26 -33.98
CA GLY A 83 18.11 13.93 -33.28
C GLY A 83 18.32 13.78 -31.78
N LEU A 84 17.34 13.16 -31.12
CA LEU A 84 17.43 12.86 -29.69
C LEU A 84 18.27 11.63 -29.42
N PRO A 85 19.22 11.72 -28.47
CA PRO A 85 19.99 10.52 -28.13
C PRO A 85 19.13 9.43 -27.50
N GLU A 86 19.58 8.19 -27.61
CA GLU A 86 18.85 7.07 -27.05
C GLU A 86 18.67 7.22 -25.55
N THR A 87 19.62 7.83 -24.86
CA THR A 87 19.48 8.04 -23.41
C THR A 87 18.24 8.88 -23.11
N VAL A 88 17.97 9.88 -23.95
CA VAL A 88 16.80 10.74 -23.78
C VAL A 88 15.49 9.98 -24.05
N THR A 89 15.44 9.22 -25.15
CA THR A 89 14.22 8.51 -25.51
C THR A 89 13.92 7.39 -24.52
N GLN A 90 14.95 6.79 -23.94
CA GLN A 90 14.76 5.77 -22.91
C GLN A 90 14.18 6.38 -21.63
N LYS A 91 14.66 7.56 -21.26
CA LYS A 91 14.18 8.26 -20.06
C LYS A 91 12.80 8.87 -20.23
N PHE A 92 12.52 9.42 -21.41
CA PHE A 92 11.25 10.07 -21.70
C PHE A 92 10.62 9.48 -22.97
N PRO A 93 10.13 8.23 -22.90
CA PRO A 93 9.65 7.58 -24.13
C PRO A 93 8.53 8.33 -24.85
N PHE A 94 7.69 8.99 -24.08
CA PHE A 94 6.51 9.67 -24.63
C PHE A 94 6.83 10.89 -25.51
N ILE A 95 8.08 11.37 -25.49
CA ILE A 95 8.50 12.45 -26.38
C ILE A 95 9.57 11.99 -27.41
N SER A 96 9.69 10.68 -27.63
CA SER A 96 10.69 10.16 -28.56
C SER A 96 10.51 10.68 -29.99
N SER A 97 9.30 11.08 -30.36
CA SER A 97 9.04 11.58 -31.70
C SER A 97 9.40 13.06 -31.87
N TYR A 98 9.80 13.74 -30.79
CA TYR A 98 9.97 15.20 -30.83
C TYR A 98 11.27 15.59 -31.53
N ARG A 99 11.23 16.69 -32.28
CA ARG A 99 12.44 17.22 -32.91
C ARG A 99 13.41 17.78 -31.88
N ALA A 100 14.70 17.66 -32.18
CA ALA A 100 15.79 18.11 -31.32
C ALA A 100 16.35 19.43 -31.81
N PHE A 101 16.64 20.32 -30.86
CA PHE A 101 17.24 21.62 -31.13
C PHE A 101 18.45 21.81 -30.23
N ARG A 102 19.55 22.28 -30.80
CA ARG A 102 20.80 22.43 -30.07
C ARG A 102 20.90 23.80 -29.40
N VAL A 103 21.25 23.77 -28.11
CA VAL A 103 21.55 24.96 -27.35
C VAL A 103 23.05 25.24 -27.50
N PRO A 104 23.42 26.41 -28.06
CA PRO A 104 24.84 26.71 -28.22
C PRO A 104 25.62 26.63 -26.91
N SER A 105 26.83 26.06 -26.98
CA SER A 105 27.70 25.90 -25.81
C SER A 105 28.08 27.25 -25.16
N SER A 106 27.86 28.35 -25.87
CA SER A 106 28.09 29.69 -25.31
C SER A 106 27.10 30.07 -24.21
N VAL A 107 25.96 29.38 -24.14
CA VAL A 107 24.91 29.67 -23.18
C VAL A 107 25.30 29.23 -21.78
N ASP A 108 25.02 30.09 -20.79
CA ASP A 108 25.20 29.77 -19.38
C ASP A 108 23.92 29.07 -18.90
N VAL A 109 23.89 27.75 -19.02
CA VAL A 109 22.70 26.96 -18.68
C VAL A 109 22.34 27.08 -17.20
N ALA A 110 23.35 27.06 -16.34
CA ALA A 110 23.13 27.17 -14.91
C ALA A 110 22.37 28.46 -14.57
N SER A 111 22.70 29.56 -15.26
CA SER A 111 21.98 30.82 -15.04
C SER A 111 20.58 30.81 -15.63
N LEU A 112 20.45 30.29 -16.85
CA LEU A 112 19.16 30.33 -17.53
C LEU A 112 18.07 29.50 -16.84
N VAL A 113 18.44 28.38 -16.20
CA VAL A 113 17.42 27.55 -15.54
C VAL A 113 16.78 28.23 -14.32
N LYS A 114 17.37 29.34 -13.88
CA LYS A 114 16.83 30.13 -12.77
C LYS A 114 15.87 31.20 -13.25
N CYS A 115 15.69 31.30 -14.57
CA CYS A 115 14.85 32.32 -15.18
C CYS A 115 13.50 31.78 -15.57
N GLN A 116 12.59 32.71 -15.84
CA GLN A 116 11.40 32.42 -16.62
C GLN A 116 11.87 32.16 -18.05
N LEU A 117 11.45 31.04 -18.62
CA LEU A 117 11.89 30.62 -19.95
C LEU A 117 10.71 30.36 -20.86
N VAL A 118 10.84 30.78 -22.12
CA VAL A 118 9.94 30.32 -23.17
C VAL A 118 10.75 30.04 -24.43
N VAL A 119 10.22 29.16 -25.27
CA VAL A 119 10.73 29.00 -26.61
C VAL A 119 9.65 29.46 -27.57
N ALA A 120 10.07 29.94 -28.73
CA ALA A 120 9.14 30.41 -29.74
C ALA A 120 9.49 29.80 -31.09
N SER A 121 8.45 29.44 -31.84
CA SER A 121 8.58 28.98 -33.22
C SER A 121 7.87 30.01 -34.09
N PHE A 122 8.48 30.38 -35.21
CA PHE A 122 7.99 31.48 -36.04
C PHE A 122 7.47 30.98 -37.38
N VAL A 129 3.33 32.59 -35.05
CA VAL A 129 4.25 32.40 -33.93
C VAL A 129 3.62 31.54 -32.83
N ASP A 130 4.32 30.49 -32.43
CA ASP A 130 3.90 29.64 -31.31
C ASP A 130 4.90 29.81 -30.17
N VAL A 131 4.41 30.21 -29.00
CA VAL A 131 5.25 30.40 -27.83
C VAL A 131 4.80 29.40 -26.76
N THR A 132 5.77 28.84 -26.03
CA THR A 132 5.44 27.88 -24.96
C THR A 132 6.54 27.82 -23.90
N GLY A 133 6.19 27.38 -22.70
CA GLY A 133 7.15 27.17 -21.62
C GLY A 133 8.00 25.93 -21.85
N LEU A 134 9.02 25.76 -20.99
CA LEU A 134 9.99 24.68 -21.09
C LEU A 134 9.91 23.82 -19.85
N GLN A 135 9.79 22.50 -20.04
CA GLN A 135 9.85 21.56 -18.92
C GLN A 135 11.29 21.15 -18.67
N LEU A 136 11.78 21.46 -17.47
CA LEU A 136 13.23 21.38 -17.17
C LEU A 136 13.83 20.10 -16.55
N PRO A 137 13.01 19.13 -16.10
CA PRO A 137 13.67 18.00 -15.42
C PRO A 137 14.84 17.33 -16.13
N GLY A 138 14.76 17.15 -17.45
CA GLY A 138 15.84 16.51 -18.19
C GLY A 138 17.17 17.22 -17.99
N VAL A 139 17.19 18.51 -18.26
CA VAL A 139 18.40 19.31 -18.09
C VAL A 139 18.84 19.43 -16.63
N LEU A 140 17.89 19.54 -15.70
CA LEU A 140 18.25 19.64 -14.29
C LEU A 140 18.97 18.38 -13.81
N ASP A 141 18.52 17.20 -14.26
CA ASP A 141 19.22 15.95 -13.98
C ASP A 141 20.55 15.88 -14.70
N ASP A 142 20.56 16.26 -15.97
CA ASP A 142 21.77 16.16 -16.78
C ASP A 142 22.91 16.99 -16.21
N MET A 143 22.58 18.18 -15.73
CA MET A 143 23.59 19.12 -15.23
C MET A 143 23.81 19.07 -13.73
N PHE A 144 22.74 18.79 -12.98
CA PHE A 144 22.75 19.02 -11.53
C PHE A 144 22.38 17.82 -10.67
N ALA A 145 22.26 16.63 -11.27
CA ALA A 145 22.05 15.43 -10.48
C ALA A 145 23.11 15.41 -9.38
N TYR A 146 22.66 15.14 -8.16
CA TYR A 146 23.52 15.27 -6.99
C TYR A 146 23.30 14.09 -6.07
N THR A 147 24.38 13.42 -5.67
CA THR A 147 24.29 12.25 -4.83
C THR A 147 24.87 12.46 -3.43
N GLY A 148 25.35 13.67 -3.15
CA GLY A 148 25.95 13.97 -1.86
C GLY A 148 24.92 14.14 -0.76
N PRO A 149 25.38 14.48 0.45
CA PRO A 149 24.44 14.62 1.56
C PRO A 149 23.38 15.69 1.29
N LEU A 150 22.14 15.37 1.65
CA LEU A 150 21.05 16.34 1.69
C LEU A 150 20.48 16.38 3.10
N GLY A 151 19.87 17.50 3.48
CA GLY A 151 19.45 17.72 4.85
C GLY A 151 20.67 17.99 5.73
N ALA A 152 20.64 17.48 6.95
CA ALA A 152 21.66 17.79 7.94
C ALA A 152 22.73 16.71 8.04
N VAL A 153 23.99 17.12 8.16
CA VAL A 153 25.11 16.22 8.46
C VAL A 153 25.78 16.72 9.72
N PHE A 154 25.88 15.87 10.73
CA PHE A 154 26.53 16.21 11.99
C PHE A 154 27.95 15.64 12.03
N SER A 155 28.91 16.51 12.31
CA SER A 155 30.31 16.10 12.50
C SER A 155 30.72 16.47 13.91
N GLU A 156 31.96 16.15 14.27
CA GLU A 156 32.46 16.42 15.62
C GLU A 156 32.22 17.87 16.05
N ASP A 157 32.62 18.82 15.22
CA ASP A 157 32.54 20.23 15.57
C ASP A 157 31.64 21.07 14.65
N SER A 158 30.74 20.41 13.90
CA SER A 158 29.93 21.17 12.96
C SER A 158 28.60 20.50 12.60
N VAL A 159 27.73 21.30 12.01
CA VAL A 159 26.50 20.82 11.37
C VAL A 159 26.40 21.50 10.01
N SER A 160 26.23 20.70 8.95
CA SER A 160 26.06 21.25 7.61
C SER A 160 24.62 21.01 7.14
N LEU A 161 24.14 21.92 6.30
CA LEU A 161 22.85 21.78 5.64
C LEU A 161 23.07 21.84 4.13
N HIS A 162 22.39 20.96 3.40
CA HIS A 162 22.40 20.97 1.94
C HIS A 162 20.99 20.87 1.39
N LEU A 163 20.67 21.73 0.43
CA LEU A 163 19.38 21.71 -0.25
C LEU A 163 19.59 21.70 -1.76
N TRP A 164 18.94 20.77 -2.44
CA TRP A 164 18.96 20.76 -3.91
C TRP A 164 17.90 21.74 -4.42
N ALA A 165 18.34 22.82 -5.04
CA ALA A 165 17.42 23.84 -5.55
C ALA A 165 18.05 24.53 -6.75
N PRO A 166 18.19 23.78 -7.86
CA PRO A 166 18.98 24.30 -8.98
C PRO A 166 18.35 25.46 -9.77
N THR A 167 17.05 25.65 -9.64
CA THR A 167 16.37 26.76 -10.30
C THR A 167 16.25 27.99 -9.38
N ALA A 168 16.65 27.86 -8.12
CA ALA A 168 16.51 28.98 -7.15
C ALA A 168 17.53 30.07 -7.39
N GLN A 169 17.10 31.31 -7.18
CA GLN A 169 17.97 32.48 -7.31
C GLN A 169 18.70 32.79 -6.00
N GLY A 170 18.13 32.36 -4.89
CA GLY A 170 18.77 32.48 -3.59
C GLY A 170 18.14 31.56 -2.57
N VAL A 171 18.96 31.12 -1.61
CA VAL A 171 18.48 30.32 -0.49
C VAL A 171 19.17 30.79 0.77
N SER A 172 18.37 31.05 1.81
CA SER A 172 18.88 31.27 3.15
C SER A 172 18.19 30.29 4.09
N VAL A 173 18.75 30.13 5.27
CA VAL A 173 18.11 29.35 6.32
C VAL A 173 17.72 30.30 7.45
N CYS A 174 16.46 30.18 7.88
CA CYS A 174 15.94 30.95 8.98
C CYS A 174 15.87 30.01 10.18
N PHE A 175 16.58 30.37 11.25
CA PHE A 175 16.60 29.60 12.48
C PHE A 175 15.63 30.16 13.51
N PHE A 176 15.02 29.25 14.25
CA PHE A 176 14.15 29.58 15.37
C PHE A 176 14.70 28.82 16.59
N ASP A 177 14.65 29.46 17.75
CA ASP A 177 14.81 28.75 19.01
C ASP A 177 13.41 28.42 19.45
N GLY A 178 13.10 27.14 19.38
CA GLY A 178 11.82 26.66 19.82
C GLY A 178 10.88 26.40 18.66
N PRO A 179 9.97 25.47 18.85
CA PRO A 179 9.01 25.09 17.82
C PRO A 179 8.04 26.20 17.41
N ALA A 180 7.74 27.11 18.33
CA ALA A 180 6.75 28.17 18.08
C ALA A 180 7.28 29.58 18.29
N GLY A 181 8.58 29.70 18.58
CA GLY A 181 9.19 31.00 18.82
C GLY A 181 9.48 31.80 17.55
N PRO A 182 9.88 33.06 17.72
CA PRO A 182 10.19 33.92 16.58
C PRO A 182 11.52 33.58 15.93
N ALA A 183 11.71 34.03 14.69
CA ALA A 183 12.96 33.82 13.99
C ALA A 183 14.09 34.48 14.77
N LEU A 184 15.20 33.76 14.92
CA LEU A 184 16.34 34.28 15.68
C LEU A 184 17.44 34.85 14.81
N GLU A 185 17.69 34.20 13.68
CA GLU A 185 18.70 34.66 12.73
C GLU A 185 18.49 34.01 11.39
N THR A 186 18.96 34.69 10.35
CA THR A 186 18.91 34.18 8.99
C THR A 186 20.35 34.13 8.46
N VAL A 187 20.69 33.00 7.84
CA VAL A 187 22.05 32.77 7.34
C VAL A 187 21.95 32.44 5.87
N GLN A 188 22.78 33.07 5.06
CA GLN A 188 22.80 32.81 3.62
C GLN A 188 23.50 31.48 3.31
N LEU A 189 22.93 30.73 2.37
CA LEU A 189 23.58 29.53 1.87
C LEU A 189 24.30 29.89 0.58
N LYS A 190 25.31 29.08 0.24
CA LYS A 190 26.07 29.28 -1.00
C LYS A 190 25.75 28.14 -1.98
N GLU A 191 25.70 28.49 -3.26
CA GLU A 191 25.37 27.53 -4.30
C GLU A 191 26.61 26.98 -5.01
N SER A 192 26.59 25.66 -5.21
CA SER A 192 27.50 24.98 -6.11
C SER A 192 26.72 23.94 -6.89
N ASN A 193 26.71 24.06 -8.22
CA ASN A 193 26.07 23.07 -9.09
C ASN A 193 24.63 22.76 -8.65
N GLY A 194 23.88 23.80 -8.35
CA GLY A 194 22.46 23.65 -8.02
C GLY A 194 22.16 23.23 -6.60
N VAL A 195 23.19 23.03 -5.80
CA VAL A 195 23.03 22.66 -4.39
C VAL A 195 23.46 23.82 -3.50
N TRP A 196 22.61 24.15 -2.54
CA TRP A 196 22.85 25.24 -1.63
C TRP A 196 23.29 24.68 -0.29
N SER A 197 24.35 25.25 0.27
CA SER A 197 24.90 24.70 1.50
C SER A 197 25.44 25.76 2.46
N VAL A 198 25.52 25.35 3.72
CA VAL A 198 26.18 26.13 4.75
C VAL A 198 26.63 25.18 5.84
N THR A 199 27.76 25.49 6.46
CA THR A 199 28.26 24.73 7.59
C THR A 199 28.32 25.66 8.78
N GLY A 200 27.77 25.20 9.89
CA GLY A 200 27.71 25.97 11.13
C GLY A 200 28.28 25.20 12.31
N PRO A 201 28.24 25.83 13.49
CA PRO A 201 28.79 25.20 14.70
C PRO A 201 27.90 24.08 15.21
N ARG A 202 28.45 23.21 16.05
CA ARG A 202 27.67 22.11 16.59
C ARG A 202 26.45 22.61 17.38
N GLU A 203 26.52 23.84 17.90
CA GLU A 203 25.44 24.45 18.68
C GLU A 203 24.13 24.64 17.90
N TRP A 204 24.19 24.58 16.56
CA TRP A 204 22.99 24.58 15.73
C TRP A 204 22.07 23.38 15.99
N GLU A 205 22.63 22.29 16.50
CA GLU A 205 21.85 21.10 16.81
C GLU A 205 20.63 21.44 17.68
N ASN A 206 19.49 20.89 17.27
CA ASN A 206 18.20 21.05 17.94
C ASN A 206 17.56 22.43 17.84
N ARG A 207 18.13 23.30 17.00
CA ARG A 207 17.39 24.46 16.55
C ARG A 207 16.27 23.99 15.63
N TYR A 208 15.29 24.85 15.43
CA TYR A 208 14.29 24.62 14.39
C TYR A 208 14.64 25.54 13.22
N TYR A 209 14.24 25.16 12.01
CA TYR A 209 14.57 25.98 10.85
C TYR A 209 13.62 25.81 9.66
N LEU A 210 13.68 26.78 8.76
CA LEU A 210 13.07 26.72 7.44
C LEU A 210 14.04 27.31 6.44
N TYR A 211 13.88 26.93 5.18
CA TYR A 211 14.62 27.56 4.08
C TYR A 211 13.80 28.69 3.49
N GLU A 212 14.45 29.83 3.26
CA GLU A 212 13.89 30.92 2.49
C GLU A 212 14.40 30.76 1.07
N VAL A 213 13.52 30.35 0.16
CA VAL A 213 13.89 30.03 -1.21
C VAL A 213 13.28 31.04 -2.17
N ASP A 214 14.14 31.80 -2.84
CA ASP A 214 13.70 32.71 -3.91
C ASP A 214 13.73 31.94 -5.22
N VAL A 215 12.54 31.68 -5.79
CA VAL A 215 12.45 30.83 -6.98
C VAL A 215 11.26 31.18 -7.86
N TYR A 216 11.47 31.07 -9.17
CA TYR A 216 10.44 31.24 -10.16
C TYR A 216 9.38 30.16 -10.05
N HIS A 217 8.13 30.59 -9.85
CA HIS A 217 6.99 29.69 -9.80
C HIS A 217 6.11 29.91 -11.03
N PRO A 218 6.11 28.94 -11.95
CA PRO A 218 5.29 29.08 -13.15
C PRO A 218 3.80 29.33 -12.90
N THR A 219 3.24 28.78 -11.82
CA THR A 219 1.81 29.01 -11.52
C THR A 219 1.48 30.46 -11.16
N LYS A 220 2.47 31.21 -10.68
CA LYS A 220 2.27 32.62 -10.34
C LYS A 220 2.96 33.59 -11.30
N ALA A 221 3.78 33.05 -12.21
CA ALA A 221 4.58 33.87 -13.14
C ALA A 221 5.39 34.95 -12.43
N GLN A 222 5.95 34.59 -11.27
CA GLN A 222 6.76 35.50 -10.47
C GLN A 222 7.86 34.71 -9.81
N VAL A 223 8.95 35.39 -9.48
CA VAL A 223 9.94 34.86 -8.55
C VAL A 223 9.39 35.19 -7.16
N LEU A 224 9.14 34.15 -6.37
CA LEU A 224 8.55 34.29 -5.04
C LEU A 224 9.54 33.85 -3.97
N LYS A 225 9.47 34.51 -2.82
CA LYS A 225 10.22 34.10 -1.63
C LYS A 225 9.34 33.10 -0.88
N CYS A 226 9.75 31.84 -0.93
CA CYS A 226 8.99 30.74 -0.32
C CYS A 226 9.67 30.27 0.95
N LEU A 227 8.88 30.01 1.98
CA LEU A 227 9.38 29.46 3.23
C LEU A 227 9.09 27.96 3.26
N ALA A 228 10.14 27.15 3.17
CA ALA A 228 9.99 25.71 2.93
C ALA A 228 10.71 24.85 3.97
N GLY A 229 10.08 23.73 4.32
CA GLY A 229 10.73 22.71 5.12
C GLY A 229 11.80 21.97 4.33
N ASP A 230 12.51 21.10 5.02
CA ASP A 230 13.58 20.33 4.40
C ASP A 230 13.02 19.02 3.88
N PRO A 231 13.17 18.77 2.57
CA PRO A 231 12.76 17.47 2.06
C PRO A 231 13.36 16.29 2.82
N TYR A 232 14.56 16.50 3.39
CA TYR A 232 15.28 15.47 4.13
C TYR A 232 15.10 15.56 5.65
N ALA A 233 14.02 16.23 6.06
CA ALA A 233 13.67 16.34 7.48
C ALA A 233 13.57 14.98 8.16
N ARG A 234 14.06 14.92 9.39
CA ARG A 234 13.88 13.74 10.23
C ARG A 234 13.00 14.02 11.45
N SER A 235 12.80 15.29 11.77
CA SER A 235 11.68 15.66 12.65
C SER A 235 11.22 17.08 12.35
N LEU A 236 10.11 17.43 12.99
CA LEU A 236 9.36 18.64 12.68
C LEU A 236 8.72 19.20 13.93
N SER A 237 8.38 20.49 13.88
CA SER A 237 7.40 21.06 14.81
C SER A 237 6.01 20.61 14.39
N ALA A 238 5.01 20.94 15.20
CA ALA A 238 3.63 20.59 14.90
C ALA A 238 3.27 21.01 13.47
N ASN A 239 2.69 20.06 12.75
CA ASN A 239 2.20 20.26 11.37
C ASN A 239 3.30 20.56 10.35
N GLY A 240 4.55 20.28 10.72
CA GLY A 240 5.68 20.53 9.83
C GLY A 240 5.87 21.99 9.48
N ALA A 241 5.44 22.89 10.38
CA ALA A 241 5.59 24.32 10.15
C ALA A 241 7.06 24.69 10.11
N ARG A 242 7.86 23.96 10.87
CA ARG A 242 9.32 24.11 10.88
C ARG A 242 9.98 22.74 10.98
N THR A 243 11.25 22.67 10.55
CA THR A 243 12.02 21.43 10.62
C THR A 243 12.90 21.45 11.86
N TRP A 244 12.97 20.32 12.57
CA TRP A 244 13.81 20.22 13.77
C TRP A 244 15.18 19.70 13.39
N LEU A 245 16.23 20.47 13.72
CA LEU A 245 17.61 20.13 13.33
C LEU A 245 18.17 19.08 14.28
N VAL A 246 17.61 17.88 14.18
CA VAL A 246 17.88 16.79 15.09
C VAL A 246 18.91 15.84 14.48
N ASP A 247 19.80 15.34 15.32
CA ASP A 247 20.68 14.24 14.97
C ASP A 247 19.92 12.95 15.23
N ILE A 248 19.48 12.29 14.15
CA ILE A 248 18.68 11.08 14.24
C ILE A 248 19.41 9.94 14.97
N ASN A 249 20.73 10.01 15.01
CA ASN A 249 21.53 9.03 15.73
C ASN A 249 21.70 9.31 17.23
N ASN A 250 21.14 10.41 17.73
CA ASN A 250 21.34 10.78 19.14
C ASN A 250 20.79 9.72 20.09
N GLU A 251 21.55 9.41 21.13
CA GLU A 251 21.25 8.29 22.00
C GLU A 251 19.99 8.51 22.85
N THR A 252 19.65 9.78 23.10
CA THR A 252 18.46 10.12 23.88
C THR A 252 17.15 9.87 23.11
N LEU A 253 17.27 9.62 21.81
CA LEU A 253 16.13 9.29 20.96
C LEU A 253 15.89 7.79 20.81
N LYS A 254 16.71 6.98 21.46
CA LYS A 254 16.60 5.52 21.37
C LYS A 254 15.91 4.96 22.61
N PRO A 255 14.88 4.13 22.43
CA PRO A 255 14.33 3.41 23.58
C PRO A 255 15.37 2.49 24.19
N ALA A 256 15.12 2.04 25.43
CA ALA A 256 16.00 1.06 26.06
C ALA A 256 16.15 -0.17 25.18
N SER A 257 17.38 -0.64 25.03
CA SER A 257 17.74 -1.83 24.24
C SER A 257 17.49 -1.71 22.73
N TRP A 258 17.32 -0.49 22.23
CA TRP A 258 17.08 -0.26 20.80
C TRP A 258 18.14 -0.89 19.91
N ASP A 259 19.40 -0.73 20.27
CA ASP A 259 20.50 -1.25 19.44
C ASP A 259 20.54 -2.79 19.41
N GLU A 260 19.88 -3.43 20.37
CA GLU A 260 19.77 -4.89 20.40
C GLU A 260 18.50 -5.43 19.75
N LEU A 261 17.74 -4.58 19.05
CA LEU A 261 16.45 -5.01 18.52
C LEU A 261 16.60 -6.12 17.48
N ALA A 262 17.65 -6.04 16.67
CA ALA A 262 17.95 -7.10 15.70
C ALA A 262 17.96 -8.49 16.34
N ASP A 263 18.54 -8.61 17.53
CA ASP A 263 18.60 -9.87 18.28
C ASP A 263 17.22 -10.35 18.74
N GLU A 264 16.30 -9.41 18.98
CA GLU A 264 14.96 -9.71 19.47
C GLU A 264 13.93 -9.87 18.36
N LYS A 265 14.28 -9.51 17.12
CA LYS A 265 13.29 -9.58 16.04
C LYS A 265 12.83 -11.02 15.81
N PRO A 266 11.54 -11.20 15.49
CA PRO A 266 11.03 -12.54 15.17
C PRO A 266 11.78 -13.16 13.99
N LYS A 267 12.10 -14.45 14.09
CA LYS A 267 12.79 -15.14 13.01
C LYS A 267 11.92 -15.16 11.76
N LEU A 268 12.54 -14.98 10.60
CA LEU A 268 11.87 -15.14 9.31
C LEU A 268 12.76 -15.99 8.42
N ASP A 269 12.43 -17.27 8.29
CA ASP A 269 13.25 -18.21 7.52
C ASP A 269 13.11 -17.97 6.02
N SER A 270 11.91 -17.59 5.59
CA SER A 270 11.56 -17.47 4.18
C SER A 270 10.48 -16.40 4.01
N PHE A 271 10.53 -15.67 2.90
CA PHE A 271 9.40 -14.78 2.57
C PHE A 271 8.09 -15.55 2.37
N SER A 272 8.18 -16.84 2.01
CA SER A 272 6.98 -17.65 1.86
C SER A 272 6.25 -17.93 3.19
N ASP A 273 6.89 -17.61 4.31
CA ASP A 273 6.26 -17.75 5.64
C ASP A 273 5.47 -16.52 6.09
N ILE A 274 5.40 -15.49 5.25
CA ILE A 274 4.75 -14.22 5.63
C ILE A 274 3.21 -14.29 5.57
N THR A 275 2.56 -13.74 6.60
CA THR A 275 1.15 -13.38 6.57
C THR A 275 1.07 -11.92 7.01
N ILE A 276 0.15 -11.17 6.43
CA ILE A 276 0.07 -9.72 6.66
C ILE A 276 -1.31 -9.35 7.20
N TYR A 277 -1.30 -8.46 8.20
CA TYR A 277 -2.50 -7.92 8.82
C TYR A 277 -2.45 -6.40 8.65
N GLU A 278 -3.41 -5.83 7.94
CA GLU A 278 -3.40 -4.40 7.58
C GLU A 278 -4.24 -3.58 8.56
N LEU A 279 -3.58 -2.66 9.24
CA LEU A 279 -4.13 -1.96 10.40
C LEU A 279 -3.81 -0.46 10.37
N HIS A 280 -4.81 0.36 10.70
CA HIS A 280 -4.65 1.81 10.82
C HIS A 280 -4.34 2.13 12.29
N ILE A 281 -3.35 2.99 12.50
CA ILE A 281 -2.85 3.28 13.85
C ILE A 281 -3.94 3.86 14.75
N ARG A 282 -4.73 4.78 14.23
CA ARG A 282 -5.79 5.35 15.05
C ARG A 282 -6.92 4.35 15.31
N ASP A 283 -7.36 3.63 14.28
CA ASP A 283 -8.42 2.63 14.42
C ASP A 283 -8.10 1.68 15.55
N PHE A 284 -6.83 1.28 15.63
CA PHE A 284 -6.39 0.29 16.58
C PHE A 284 -6.83 0.58 18.02
N SER A 285 -6.72 1.83 18.45
CA SER A 285 -6.93 2.16 19.86
C SER A 285 -7.90 3.32 20.13
N ALA A 286 -8.49 3.93 19.09
CA ALA A 286 -9.39 5.06 19.29
C ALA A 286 -10.57 4.73 20.21
N HIS A 287 -11.06 3.49 20.14
CA HIS A 287 -12.18 3.06 20.97
C HIS A 287 -11.79 2.11 22.09
N ASP A 288 -10.51 2.01 22.41
CA ASP A 288 -10.05 1.00 23.38
C ASP A 288 -9.97 1.59 24.78
N GLY A 289 -10.99 1.31 25.58
CA GLY A 289 -11.09 1.83 26.95
C GLY A 289 -10.03 1.30 27.90
N THR A 290 -9.33 0.24 27.52
CA THR A 290 -8.22 -0.28 28.32
C THR A 290 -6.92 0.49 28.10
N VAL A 291 -6.93 1.42 27.15
CA VAL A 291 -5.81 2.32 26.94
C VAL A 291 -6.16 3.68 27.55
N ASP A 292 -5.23 4.25 28.30
CA ASP A 292 -5.41 5.58 28.88
C ASP A 292 -5.85 6.59 27.80
N SER A 293 -6.83 7.43 28.14
CA SER A 293 -7.38 8.45 27.22
C SER A 293 -6.29 9.19 26.45
N ASP A 294 -5.30 9.66 27.20
CA ASP A 294 -4.14 10.38 26.64
C ASP A 294 -3.37 9.64 25.56
N SER A 295 -3.33 8.31 25.64
CA SER A 295 -2.54 7.51 24.73
C SER A 295 -3.36 6.80 23.63
N ARG A 296 -4.66 7.11 23.53
CA ARG A 296 -5.47 6.50 22.48
C ARG A 296 -5.23 7.13 21.12
N GLY A 297 -5.11 6.27 20.10
CA GLY A 297 -5.07 6.71 18.71
C GLY A 297 -3.69 6.85 18.09
N GLY A 298 -2.64 6.63 18.86
CA GLY A 298 -1.28 6.90 18.38
C GLY A 298 -0.27 5.79 18.62
N PHE A 299 0.99 6.14 18.47
CA PHE A 299 2.10 5.20 18.58
C PHE A 299 2.16 4.55 19.97
N ARG A 300 1.89 5.35 21.01
CA ARG A 300 2.03 4.89 22.39
C ARG A 300 1.10 3.73 22.78
N ALA A 301 -0.07 3.65 22.13
CA ALA A 301 -1.01 2.57 22.42
C ALA A 301 -0.43 1.19 22.15
N PHE A 302 0.55 1.11 21.25
CA PHE A 302 1.21 -0.16 20.96
C PHE A 302 2.15 -0.62 22.08
N ALA A 303 2.47 0.29 23.01
CA ALA A 303 3.30 -0.02 24.18
C ALA A 303 2.48 -0.35 25.43
N TYR A 304 1.17 -0.54 25.28
CA TYR A 304 0.29 -1.01 26.36
C TYR A 304 0.11 -2.50 26.21
N GLN A 305 0.96 -3.30 26.86
CA GLN A 305 0.95 -4.74 26.64
C GLN A 305 -0.38 -5.40 26.87
N ALA A 306 -1.06 -5.05 27.97
CA ALA A 306 -2.22 -5.82 28.40
C ALA A 306 -3.54 -5.17 28.00
N SER A 307 -3.47 -4.23 27.05
CA SER A 307 -4.68 -3.65 26.50
C SER A 307 -5.43 -4.70 25.68
N ALA A 308 -6.72 -4.47 25.49
CA ALA A 308 -7.55 -5.36 24.67
C ALA A 308 -6.98 -5.46 23.26
N GLY A 309 -6.52 -4.33 22.71
CA GLY A 309 -5.91 -4.30 21.40
C GLY A 309 -4.63 -5.12 21.29
N MET A 310 -3.72 -4.95 22.23
CA MET A 310 -2.46 -5.67 22.17
C MET A 310 -2.63 -7.16 22.48
N GLU A 311 -3.60 -7.49 23.34
CA GLU A 311 -3.94 -8.89 23.57
C GLU A 311 -4.50 -9.51 22.27
N HIS A 312 -5.27 -8.73 21.52
CA HIS A 312 -5.80 -9.19 20.25
C HIS A 312 -4.65 -9.48 19.26
N LEU A 313 -3.72 -8.54 19.11
CA LEU A 313 -2.57 -8.77 18.23
C LEU A 313 -1.68 -9.93 18.71
N ARG A 314 -1.54 -10.07 20.03
CA ARG A 314 -0.80 -11.19 20.60
C ARG A 314 -1.42 -12.52 20.21
N LYS A 315 -2.74 -12.59 20.28
CA LYS A 315 -3.49 -13.78 19.93
C LYS A 315 -3.22 -14.15 18.47
N LEU A 316 -3.32 -13.17 17.59
CA LEU A 316 -3.06 -13.42 16.17
C LEU A 316 -1.61 -13.83 15.92
N SER A 317 -0.67 -13.11 16.54
CA SER A 317 0.75 -13.39 16.37
C SER A 317 1.10 -14.79 16.85
N ASP A 318 0.55 -15.19 18.00
CA ASP A 318 0.81 -16.52 18.57
C ASP A 318 0.25 -17.65 17.71
N ALA A 319 -0.87 -17.37 17.02
CA ALA A 319 -1.43 -18.29 16.04
C ALA A 319 -0.56 -18.44 14.79
N GLY A 320 0.33 -17.46 14.54
CA GLY A 320 1.27 -17.53 13.43
C GLY A 320 1.39 -16.27 12.57
N LEU A 321 0.51 -15.29 12.76
CA LEU A 321 0.63 -14.03 12.01
C LEU A 321 2.05 -13.47 12.14
N THR A 322 2.67 -13.07 11.02
CA THR A 322 4.05 -12.60 11.05
C THR A 322 4.25 -11.09 10.93
N HIS A 323 3.41 -10.41 10.13
CA HIS A 323 3.63 -9.01 9.79
C HIS A 323 2.38 -8.17 10.00
N VAL A 324 2.55 -6.98 10.56
CA VAL A 324 1.51 -5.97 10.60
C VAL A 324 1.89 -4.83 9.67
N HIS A 325 0.99 -4.51 8.75
CA HIS A 325 1.14 -3.43 7.78
C HIS A 325 0.36 -2.25 8.36
N LEU A 326 1.07 -1.18 8.68
CA LEU A 326 0.45 0.00 9.26
C LEU A 326 0.15 1.01 8.16
N LEU A 327 -1.05 1.55 8.15
CA LEU A 327 -1.41 2.62 7.20
C LEU A 327 -0.49 3.84 7.40
N PRO A 328 -0.47 4.78 6.44
CA PRO A 328 0.51 5.86 6.41
C PRO A 328 0.81 6.48 7.78
N SER A 329 2.10 6.47 8.12
CA SER A 329 2.55 6.89 9.46
C SER A 329 3.67 7.95 9.44
N PHE A 330 3.94 8.48 8.25
CA PHE A 330 4.86 9.60 8.02
C PHE A 330 4.08 10.92 8.06
N HIS A 331 4.74 12.05 7.81
CA HIS A 331 4.09 13.35 7.83
C HIS A 331 3.15 13.56 6.64
N PHE A 332 1.86 13.35 6.91
CA PHE A 332 0.79 13.60 5.93
C PHE A 332 -0.12 14.74 6.39
N ALA A 333 -0.77 15.37 5.43
CA ALA A 333 -1.73 16.44 5.67
C ALA A 333 -3.12 15.86 5.89
N GLY A 334 -3.99 16.67 6.52
CA GLY A 334 -5.39 16.33 6.68
C GLY A 334 -5.80 16.05 8.11
N VAL A 335 -4.81 15.94 9.00
CA VAL A 335 -5.03 15.83 10.44
C VAL A 335 -4.06 16.78 11.14
N ASP A 336 -4.59 17.59 12.04
CA ASP A 336 -3.79 18.51 12.83
C ASP A 336 -2.97 17.72 13.86
N ASP A 337 -1.69 18.03 13.97
CA ASP A 337 -0.81 17.36 14.94
C ASP A 337 -1.12 17.79 16.37
N ILE A 338 -1.76 18.94 16.53
CA ILE A 338 -2.09 19.48 17.84
C ILE A 338 -3.46 18.92 18.22
N LYS A 339 -3.47 17.97 19.14
CA LYS A 339 -4.68 17.22 19.48
C LYS A 339 -5.79 18.10 20.03
N SER A 340 -5.40 19.18 20.71
CA SER A 340 -6.37 20.13 21.26
C SER A 340 -7.15 20.89 20.19
N ASN A 341 -6.71 20.82 18.93
CA ASN A 341 -7.46 21.42 17.83
C ASN A 341 -8.53 20.51 17.24
N TRP A 342 -8.49 19.23 17.61
CA TRP A 342 -9.41 18.24 17.05
C TRP A 342 -10.85 18.48 17.49
N LYS A 343 -11.76 18.31 16.55
CA LYS A 343 -13.18 18.32 16.81
C LYS A 343 -13.69 16.94 16.50
N PHE A 344 -14.50 16.38 17.38
CA PHE A 344 -15.14 15.13 17.05
C PHE A 344 -16.53 15.05 17.63
N VAL A 345 -17.36 14.30 16.91
CA VAL A 345 -18.75 14.12 17.29
C VAL A 345 -18.86 13.33 18.58
N ASP A 346 -19.95 13.57 19.31
CA ASP A 346 -20.31 12.76 20.45
C ASP A 346 -20.87 11.42 19.94
N GLU A 347 -20.12 10.35 20.14
CA GLU A 347 -20.56 9.03 19.67
C GLU A 347 -21.83 8.54 20.36
N CYS A 348 -22.03 8.94 21.62
CA CYS A 348 -23.23 8.55 22.35
C CYS A 348 -24.47 9.22 21.72
N GLU A 349 -24.30 10.42 21.17
CA GLU A 349 -25.37 11.10 20.43
C GLU A 349 -25.68 10.35 19.15
N LEU A 350 -24.65 10.07 18.36
CA LEU A 350 -24.84 9.35 17.10
C LEU A 350 -25.43 7.95 17.28
N ALA A 351 -25.18 7.32 18.43
CA ALA A 351 -25.72 5.99 18.70
C ALA A 351 -27.24 5.99 18.84
N THR A 352 -27.82 7.15 19.12
CA THR A 352 -29.29 7.22 19.25
C THR A 352 -30.00 7.33 17.90
N PHE A 353 -29.26 7.59 16.82
CA PHE A 353 -29.89 7.77 15.51
C PHE A 353 -30.21 6.41 14.88
N PRO A 354 -31.25 6.34 14.03
CA PRO A 354 -31.65 5.07 13.42
C PRO A 354 -30.56 4.45 12.55
N PRO A 355 -30.51 3.09 12.47
CA PRO A 355 -29.43 2.40 11.78
C PRO A 355 -29.29 2.68 10.27
N GLY A 356 -30.39 3.09 9.65
CA GLY A 356 -30.40 3.44 8.22
C GLY A 356 -30.56 4.92 7.94
N SER A 357 -30.37 5.74 8.97
CA SER A 357 -30.50 7.20 8.84
C SER A 357 -29.32 7.80 8.08
N ASP A 358 -29.54 8.97 7.49
CA ASP A 358 -28.44 9.76 6.91
C ASP A 358 -27.86 10.81 7.88
N MET A 359 -28.31 10.79 9.13
CA MET A 359 -27.93 11.81 10.11
C MET A 359 -26.51 11.63 10.63
N GLN A 360 -26.10 10.38 10.86
CA GLN A 360 -24.76 10.12 11.37
C GLN A 360 -23.70 10.64 10.42
N GLN A 361 -23.86 10.36 9.12
CA GLN A 361 -22.86 10.79 8.15
C GLN A 361 -22.86 12.31 7.97
N ALA A 362 -24.04 12.93 8.06
CA ALA A 362 -24.10 14.39 7.97
C ALA A 362 -23.31 15.01 9.13
N ALA A 363 -23.44 14.42 10.32
CA ALA A 363 -22.76 14.93 11.51
C ALA A 363 -21.25 14.78 11.38
N VAL A 364 -20.83 13.59 10.95
CA VAL A 364 -19.41 13.28 10.75
C VAL A 364 -18.79 14.18 9.67
N VAL A 365 -19.47 14.29 8.53
CA VAL A 365 -18.99 15.09 7.39
C VAL A 365 -18.85 16.58 7.75
N ALA A 366 -19.75 17.10 8.60
CA ALA A 366 -19.70 18.51 8.96
C ALA A 366 -18.34 18.94 9.52
N ILE A 367 -17.67 18.07 10.28
CA ILE A 367 -16.38 18.39 10.90
C ILE A 367 -15.23 17.46 10.45
N GLN A 368 -15.43 16.74 9.34
CA GLN A 368 -14.45 15.74 8.93
C GLN A 368 -13.08 16.32 8.58
N GLU A 369 -13.02 17.61 8.20
CA GLU A 369 -11.75 18.27 7.90
C GLU A 369 -11.00 18.73 9.16
N GLU A 370 -11.67 18.70 10.30
CA GLU A 370 -11.11 19.19 11.56
C GLU A 370 -11.03 18.10 12.63
N ASP A 371 -11.25 16.84 12.25
CA ASP A 371 -11.32 15.76 13.23
C ASP A 371 -9.95 15.05 13.35
N PRO A 372 -9.85 14.03 14.22
CA PRO A 372 -8.53 13.39 14.36
C PRO A 372 -8.18 12.42 13.24
N TYR A 373 -9.04 12.30 12.24
CA TYR A 373 -9.06 11.10 11.38
C TYR A 373 -8.70 11.30 9.93
N ASN A 374 -7.72 10.53 9.46
CA ASN A 374 -7.53 10.32 8.02
C ASN A 374 -6.67 9.08 7.82
N TRP A 375 -6.91 8.32 6.75
CA TRP A 375 -6.00 7.22 6.42
C TRP A 375 -4.56 7.71 6.24
N GLY A 376 -4.39 8.88 5.65
CA GLY A 376 -3.08 9.53 5.54
C GLY A 376 -2.36 9.44 4.21
N TYR A 377 -3.09 9.11 3.15
CA TYR A 377 -2.52 9.04 1.80
C TYR A 377 -2.35 10.45 1.17
N ASN A 378 -1.82 11.38 1.97
CA ASN A 378 -1.67 12.80 1.61
C ASN A 378 -0.25 13.28 1.94
N PRO A 379 0.75 12.82 1.17
CA PRO A 379 2.12 13.03 1.64
C PRO A 379 2.62 14.46 1.61
N VAL A 380 3.32 14.84 2.67
CA VAL A 380 4.03 16.12 2.73
C VAL A 380 5.53 15.84 2.85
N LEU A 381 5.93 15.19 3.95
CA LEU A 381 7.32 14.80 4.14
C LEU A 381 7.40 13.34 4.56
N TRP A 382 8.04 12.54 3.71
CA TRP A 382 8.08 11.09 3.86
C TRP A 382 8.92 10.59 5.04
N GLY A 383 9.90 11.35 5.49
CA GLY A 383 10.93 10.83 6.40
C GLY A 383 10.69 11.04 7.89
N VAL A 384 9.53 11.59 8.24
CA VAL A 384 9.22 11.97 9.61
C VAL A 384 7.95 11.28 10.07
N PRO A 385 7.94 10.73 11.30
CA PRO A 385 6.70 10.20 11.87
C PRO A 385 5.58 11.24 11.99
N LYS A 386 4.35 10.81 11.76
CA LYS A 386 3.19 11.70 11.87
C LYS A 386 3.03 12.25 13.30
N GLY A 387 2.99 13.57 13.42
CA GLY A 387 2.93 14.21 14.74
C GLY A 387 1.65 13.96 15.52
N SER A 388 0.53 13.83 14.82
CA SER A 388 -0.76 13.59 15.46
C SER A 388 -0.82 12.26 16.21
N TYR A 389 0.06 11.33 15.84
CA TYR A 389 0.17 10.03 16.48
C TYR A 389 1.17 10.01 17.66
N ALA A 390 1.86 11.13 17.86
CA ALA A 390 2.80 11.29 18.96
C ALA A 390 2.11 11.94 20.15
N SER A 391 2.66 11.72 21.34
CA SER A 391 2.16 12.37 22.57
C SER A 391 2.37 13.89 22.54
N ASP A 392 3.49 14.34 21.98
CA ASP A 392 3.83 15.76 21.85
C ASP A 392 4.39 15.98 20.43
N PRO A 393 3.71 16.81 19.62
CA PRO A 393 4.15 16.98 18.23
C PRO A 393 5.41 17.83 18.04
N ASP A 394 5.89 18.45 19.13
CA ASP A 394 7.16 19.17 19.11
C ASP A 394 8.21 18.34 19.83
N GLY A 395 9.43 18.40 19.35
CA GLY A 395 10.55 17.73 20.00
C GLY A 395 10.67 16.26 19.64
N PRO A 396 11.24 15.47 20.54
CA PRO A 396 11.65 14.12 20.20
C PRO A 396 10.60 13.01 20.30
N SER A 397 9.44 13.29 20.88
CA SER A 397 8.52 12.20 21.22
C SER A 397 8.05 11.40 20.00
N ARG A 398 7.86 12.05 18.86
CA ARG A 398 7.44 11.32 17.66
C ARG A 398 8.48 10.29 17.18
N ILE A 399 9.76 10.59 17.39
CA ILE A 399 10.84 9.66 17.04
C ILE A 399 10.91 8.51 18.04
N ILE A 400 10.96 8.85 19.33
CA ILE A 400 11.10 7.83 20.38
C ILE A 400 9.89 6.90 20.37
N GLU A 401 8.68 7.46 20.24
CA GLU A 401 7.47 6.65 20.32
C GLU A 401 7.25 5.77 19.08
N TYR A 402 7.69 6.22 17.90
CA TYR A 402 7.67 5.36 16.72
C TYR A 402 8.56 4.14 16.94
N ARG A 403 9.77 4.38 17.42
CA ARG A 403 10.71 3.31 17.71
C ARG A 403 10.15 2.34 18.75
N GLN A 404 9.53 2.88 19.81
CA GLN A 404 8.92 2.06 20.86
C GLN A 404 7.79 1.18 20.30
N MET A 405 7.07 1.70 19.31
CA MET A 405 6.02 0.93 18.63
C MET A 405 6.59 -0.26 17.86
N VAL A 406 7.63 -0.03 17.09
CA VAL A 406 8.28 -1.09 16.31
C VAL A 406 8.82 -2.14 17.28
N GLN A 407 9.48 -1.67 18.32
CA GLN A 407 10.04 -2.56 19.35
C GLN A 407 8.95 -3.42 19.99
N ALA A 408 7.84 -2.79 20.36
CA ALA A 408 6.74 -3.48 21.02
C ALA A 408 6.10 -4.53 20.14
N LEU A 409 5.87 -4.19 18.87
CA LEU A 409 5.30 -5.15 17.94
C LEU A 409 6.28 -6.32 17.70
N ASN A 410 7.55 -6.02 17.47
CA ASN A 410 8.57 -7.06 17.33
C ASN A 410 8.59 -8.01 18.53
N ARG A 411 8.43 -7.45 19.73
CA ARG A 411 8.50 -8.24 20.96
C ARG A 411 7.30 -9.17 21.17
N ILE A 412 6.17 -8.88 20.53
CA ILE A 412 5.04 -9.84 20.53
C ILE A 412 5.01 -10.71 19.27
N GLY A 413 6.11 -10.72 18.52
CA GLY A 413 6.28 -11.64 17.42
C GLY A 413 5.81 -11.13 16.07
N LEU A 414 5.66 -9.81 15.93
CA LEU A 414 5.20 -9.23 14.68
C LEU A 414 6.25 -8.30 14.08
N ARG A 415 6.57 -8.55 12.80
CA ARG A 415 7.38 -7.61 12.03
C ARG A 415 6.47 -6.50 11.50
N VAL A 416 7.07 -5.34 11.27
CA VAL A 416 6.33 -4.12 10.96
C VAL A 416 6.58 -3.68 9.54
N VAL A 417 5.47 -3.50 8.80
CA VAL A 417 5.49 -3.04 7.43
C VAL A 417 4.90 -1.63 7.38
N MET A 418 5.57 -0.74 6.67
CA MET A 418 5.08 0.61 6.47
C MET A 418 4.39 0.71 5.11
N ASP A 419 3.24 1.38 5.11
CA ASP A 419 2.55 1.77 3.88
C ASP A 419 3.20 3.06 3.38
N VAL A 420 3.96 2.95 2.30
CA VAL A 420 4.72 4.07 1.76
C VAL A 420 4.03 4.60 0.50
N VAL A 421 3.95 5.92 0.41
CA VAL A 421 3.12 6.61 -0.58
C VAL A 421 3.99 7.57 -1.38
N TYR A 422 4.75 7.03 -2.32
CA TYR A 422 5.74 7.80 -3.08
C TYR A 422 5.20 8.28 -4.41
N ASN A 423 3.94 7.97 -4.68
CA ASN A 423 3.34 8.17 -6.00
C ASN A 423 2.68 9.54 -6.18
N HIS A 424 2.49 10.29 -5.09
CA HIS A 424 1.84 11.61 -5.22
C HIS A 424 2.04 12.45 -3.98
N LEU A 425 1.74 13.73 -4.09
CA LEU A 425 1.90 14.68 -2.99
C LEU A 425 0.56 15.31 -2.62
N ASP A 426 0.40 15.64 -1.34
CA ASP A 426 -0.79 16.35 -0.91
C ASP A 426 -1.00 17.65 -1.68
N SER A 427 0.08 18.42 -1.81
CA SER A 427 0.00 19.77 -2.35
C SER A 427 1.14 20.07 -3.30
N SER A 428 0.90 21.05 -4.17
CA SER A 428 1.94 21.60 -5.02
C SER A 428 1.92 23.11 -4.91
N GLY A 429 2.87 23.77 -5.56
CA GLY A 429 2.88 25.22 -5.61
C GLY A 429 3.59 25.88 -4.43
N PRO A 430 3.61 27.23 -4.43
CA PRO A 430 4.42 28.01 -3.51
C PRO A 430 3.81 28.31 -2.14
N CYS A 431 2.53 27.98 -1.98
CA CYS A 431 1.77 28.42 -0.81
C CYS A 431 1.38 27.26 0.07
N GLY A 432 1.45 27.48 1.38
CA GLY A 432 0.98 26.51 2.35
C GLY A 432 2.06 25.65 2.96
N ILE A 433 1.89 25.36 4.23
CA ILE A 433 2.76 24.48 5.02
C ILE A 433 2.83 23.05 4.45
N SER A 434 1.78 22.63 3.74
CA SER A 434 1.68 21.26 3.21
C SER A 434 2.34 21.05 1.84
N SER A 435 2.82 22.12 1.20
CA SER A 435 3.64 21.99 0.00
C SER A 435 5.11 22.16 0.39
N VAL A 436 5.93 21.14 0.15
CA VAL A 436 7.37 21.28 0.38
C VAL A 436 8.16 21.08 -0.91
N LEU A 437 8.06 19.89 -1.50
CA LEU A 437 8.91 19.56 -2.63
C LEU A 437 8.70 20.51 -3.81
N ASP A 438 7.44 20.75 -4.17
CA ASP A 438 7.12 21.57 -5.33
C ASP A 438 7.28 23.07 -5.06
N LYS A 439 7.31 23.43 -3.78
CA LYS A 439 7.61 24.80 -3.37
C LYS A 439 9.07 25.16 -3.67
N ILE A 440 9.98 24.20 -3.47
CA ILE A 440 11.41 24.41 -3.61
C ILE A 440 11.90 24.31 -5.06
N VAL A 441 11.48 23.25 -5.76
CA VAL A 441 11.84 23.05 -7.16
C VAL A 441 10.56 22.82 -7.96
N PRO A 442 9.85 23.91 -8.29
CA PRO A 442 8.55 23.74 -8.94
C PRO A 442 8.63 23.02 -10.27
N GLY A 443 7.72 22.07 -10.47
CA GLY A 443 7.57 21.36 -11.72
C GLY A 443 8.56 20.23 -11.93
N TYR A 444 9.24 19.82 -10.85
CA TYR A 444 10.27 18.79 -10.97
C TYR A 444 9.88 17.48 -10.28
N TYR A 445 9.45 17.57 -9.02
CA TYR A 445 9.10 16.36 -8.25
C TYR A 445 7.75 15.79 -8.70
N VAL A 446 6.94 16.62 -9.36
CA VAL A 446 5.64 16.19 -9.85
C VAL A 446 5.73 15.86 -11.33
N ARG A 447 4.99 14.84 -11.74
CA ARG A 447 4.88 14.48 -13.16
C ARG A 447 3.89 15.41 -13.83
N ARG A 448 4.17 15.78 -15.07
CA ARG A 448 3.32 16.67 -15.85
C ARG A 448 2.97 16.05 -17.19
N ASP A 449 1.86 16.48 -17.77
CA ASP A 449 1.47 16.00 -19.09
C ASP A 449 2.23 16.75 -20.19
N THR A 450 1.97 16.41 -21.43
CA THR A 450 2.69 17.04 -22.54
C THR A 450 2.35 18.53 -22.76
N ASN A 451 1.34 19.06 -22.06
CA ASN A 451 1.08 20.51 -22.07
C ASN A 451 1.64 21.23 -20.83
N GLY A 452 2.28 20.48 -19.93
CA GLY A 452 2.88 21.05 -18.73
C GLY A 452 2.01 21.01 -17.48
N GLN A 453 0.79 20.50 -17.60
CA GLN A 453 -0.14 20.46 -16.47
C GLN A 453 0.19 19.27 -15.59
N ILE A 454 0.13 19.46 -14.28
CA ILE A 454 0.40 18.39 -13.32
C ILE A 454 -0.56 17.21 -13.53
N GLU A 455 -0.01 15.99 -13.56
CA GLU A 455 -0.78 14.76 -13.66
C GLU A 455 -1.42 14.45 -12.32
N ASN A 456 -2.69 14.05 -12.32
CA ASN A 456 -3.42 13.84 -11.07
C ASN A 456 -4.06 12.44 -10.92
N SER A 457 -3.66 11.48 -11.74
CA SER A 457 -4.31 10.16 -11.73
C SER A 457 -4.20 9.41 -10.40
N ALA A 458 -3.16 9.69 -9.61
N ALA A 458 -3.12 9.68 -9.65
CA ALA A 458 -2.94 9.01 -8.32
CA ALA A 458 -2.90 9.10 -8.33
C ALA A 458 -3.91 9.49 -7.22
C ALA A 458 -3.40 10.04 -7.25
N ALA A 459 -4.59 10.61 -7.45
CA ALA A 459 -5.36 11.36 -6.45
C ALA A 459 -5.19 12.83 -6.84
N MET A 460 -3.96 13.32 -6.70
CA MET A 460 -3.57 14.68 -7.10
C MET A 460 -2.05 14.76 -7.00
N ASN A 461 -1.42 15.59 -7.84
CA ASN A 461 0.01 15.89 -7.71
C ASN A 461 0.88 14.64 -7.77
N ASN A 462 0.71 13.86 -8.84
CA ASN A 462 1.51 12.66 -9.07
C ASN A 462 2.99 13.02 -9.05
N THR A 463 3.80 12.17 -8.45
CA THR A 463 5.24 12.37 -8.47
C THR A 463 5.84 11.79 -9.76
N ALA A 464 7.09 12.17 -10.03
CA ALA A 464 7.84 11.67 -11.18
C ALA A 464 9.10 10.94 -10.75
N SER A 465 8.96 9.69 -10.35
CA SER A 465 10.09 8.87 -9.91
C SER A 465 11.12 8.64 -11.02
N GLU A 466 10.70 8.85 -12.27
CA GLU A 466 11.59 8.81 -13.42
C GLU A 466 12.68 9.90 -13.38
N HIS A 467 12.50 10.93 -12.54
CA HIS A 467 13.49 11.98 -12.38
C HIS A 467 14.48 11.64 -11.27
N PHE A 468 15.75 11.94 -11.53
CA PHE A 468 16.87 11.46 -10.72
C PHE A 468 16.72 11.72 -9.22
N MET A 469 16.33 12.94 -8.85
CA MET A 469 16.33 13.33 -7.45
C MET A 469 15.06 12.86 -6.73
N VAL A 470 14.03 12.51 -7.51
CA VAL A 470 12.83 11.87 -6.95
C VAL A 470 13.18 10.42 -6.62
N ASP A 471 13.77 9.71 -7.58
CA ASP A 471 14.29 8.36 -7.36
C ASP A 471 15.20 8.34 -6.13
N ARG A 472 16.11 9.30 -6.05
CA ARG A 472 17.03 9.36 -4.94
C ARG A 472 16.33 9.55 -3.60
N LEU A 473 15.37 10.47 -3.54
CA LEU A 473 14.63 10.75 -2.31
C LEU A 473 13.84 9.53 -1.84
N ILE A 474 13.24 8.82 -2.77
CA ILE A 474 12.47 7.62 -2.45
C ILE A 474 13.33 6.56 -1.78
N VAL A 475 14.47 6.24 -2.39
CA VAL A 475 15.35 5.22 -1.84
C VAL A 475 15.99 5.71 -0.55
N ASP A 476 16.42 6.98 -0.50
CA ASP A 476 16.94 7.56 0.75
C ASP A 476 15.91 7.44 1.89
N ASP A 477 14.64 7.68 1.57
CA ASP A 477 13.59 7.60 2.59
C ASP A 477 13.42 6.17 3.09
N LEU A 478 13.38 5.22 2.18
CA LEU A 478 13.27 3.81 2.55
C LEU A 478 14.43 3.41 3.47
N LEU A 479 15.65 3.81 3.13
N LEU A 479 15.65 3.83 3.12
CA LEU A 479 16.79 3.48 3.97
CA LEU A 479 16.84 3.54 3.93
C LEU A 479 16.69 4.16 5.35
C LEU A 479 16.77 4.20 5.32
N ASN A 480 16.16 5.38 5.39
CA ASN A 480 15.88 6.07 6.66
C ASN A 480 14.98 5.21 7.55
N TRP A 481 13.85 4.77 7.03
CA TRP A 481 12.94 3.94 7.83
C TRP A 481 13.56 2.60 8.24
N ALA A 482 14.29 1.97 7.31
CA ALA A 482 14.90 0.67 7.58
C ALA A 482 15.99 0.76 8.65
N VAL A 483 16.85 1.77 8.56
CA VAL A 483 18.00 1.89 9.49
C VAL A 483 17.61 2.64 10.77
N ASN A 484 16.97 3.80 10.62
CA ASN A 484 16.65 4.63 11.78
C ASN A 484 15.48 4.14 12.62
N TYR A 485 14.58 3.36 12.01
CA TYR A 485 13.39 2.84 12.69
C TYR A 485 13.25 1.31 12.65
N LYS A 486 14.20 0.64 12.00
CA LYS A 486 14.27 -0.83 11.96
C LYS A 486 12.97 -1.47 11.47
N VAL A 487 12.37 -0.81 10.48
CA VAL A 487 11.14 -1.27 9.85
C VAL A 487 11.43 -2.50 8.99
N ASP A 488 10.50 -3.45 9.01
CA ASP A 488 10.72 -4.79 8.46
C ASP A 488 10.23 -5.02 7.04
N GLY A 489 9.52 -4.06 6.46
CA GLY A 489 8.99 -4.24 5.12
C GLY A 489 8.20 -3.02 4.69
N PHE A 490 7.80 -2.99 3.42
CA PHE A 490 7.15 -1.83 2.85
C PHE A 490 6.08 -2.26 1.85
N ARG A 491 4.91 -1.63 1.97
CA ARG A 491 3.84 -1.77 0.99
C ARG A 491 3.80 -0.49 0.17
N PHE A 492 4.02 -0.62 -1.12
CA PHE A 492 4.09 0.52 -2.03
C PHE A 492 2.73 0.86 -2.62
N ASP A 493 2.19 1.98 -2.15
CA ASP A 493 0.95 2.52 -2.68
C ASP A 493 1.18 2.85 -4.17
N LEU A 494 0.20 2.48 -5.00
CA LEU A 494 0.25 2.73 -6.45
C LEU A 494 1.64 2.52 -7.02
N MET A 495 2.13 1.30 -6.82
CA MET A 495 3.44 0.89 -7.30
C MET A 495 3.56 1.01 -8.83
N GLY A 496 2.45 0.88 -9.54
CA GLY A 496 2.43 1.12 -10.99
C GLY A 496 2.80 2.54 -11.40
N HIS A 497 2.74 3.49 -10.46
CA HIS A 497 3.15 4.87 -10.74
C HIS A 497 4.64 5.12 -10.46
N ILE A 498 5.30 4.11 -9.92
CA ILE A 498 6.73 4.18 -9.59
C ILE A 498 7.51 3.44 -10.67
N MET A 499 8.65 4.00 -11.07
CA MET A 499 9.51 3.34 -12.05
C MET A 499 10.02 2.01 -11.50
N LYS A 500 10.01 0.97 -12.33
CA LYS A 500 10.55 -0.32 -11.90
C LYS A 500 12.01 -0.20 -11.47
N ARG A 501 12.78 0.66 -12.15
CA ARG A 501 14.19 0.83 -11.79
C ARG A 501 14.35 1.38 -10.38
N THR A 502 13.40 2.21 -9.94
CA THR A 502 13.37 2.68 -8.55
C THR A 502 13.05 1.54 -7.60
N MET A 503 12.04 0.73 -7.94
CA MET A 503 11.68 -0.43 -7.10
C MET A 503 12.86 -1.38 -6.94
N MET A 504 13.55 -1.67 -8.03
CA MET A 504 14.62 -2.66 -8.03
C MET A 504 15.86 -2.13 -7.29
N ARG A 505 16.16 -0.83 -7.42
CA ARG A 505 17.27 -0.25 -6.68
C ARG A 505 16.96 -0.22 -5.19
N ALA A 506 15.72 0.14 -4.83
CA ALA A 506 15.26 0.07 -3.44
C ALA A 506 15.47 -1.35 -2.86
N LYS A 507 15.04 -2.36 -3.60
CA LYS A 507 15.18 -3.75 -3.15
C LYS A 507 16.64 -4.09 -2.87
N SER A 508 17.52 -3.72 -3.79
CA SER A 508 18.96 -4.00 -3.65
C SER A 508 19.56 -3.27 -2.44
N ALA A 509 19.25 -1.98 -2.34
CA ALA A 509 19.77 -1.14 -1.25
C ALA A 509 19.31 -1.63 0.13
N LEU A 510 18.05 -2.03 0.23
CA LEU A 510 17.49 -2.49 1.50
C LEU A 510 18.01 -3.87 1.88
N GLN A 511 18.01 -4.79 0.92
CA GLN A 511 18.33 -6.18 1.24
C GLN A 511 19.83 -6.43 1.48
N SER A 512 20.67 -5.43 1.19
N SER A 512 20.67 -5.44 1.21
CA SER A 512 22.11 -5.48 1.46
CA SER A 512 22.11 -5.52 1.48
C SER A 512 22.51 -4.91 2.83
C SER A 512 22.54 -4.79 2.77
N LEU A 513 21.57 -4.28 3.53
CA LEU A 513 21.83 -3.74 4.88
C LEU A 513 22.17 -4.90 5.81
N THR A 514 23.13 -4.69 6.71
CA THR A 514 23.57 -5.73 7.63
C THR A 514 23.49 -5.28 9.08
N THR A 515 23.43 -6.26 9.98
CA THR A 515 23.39 -5.98 11.41
C THR A 515 24.69 -5.30 11.86
N ASP A 516 25.83 -5.77 11.35
CA ASP A 516 27.13 -5.21 11.76
C ASP A 516 27.32 -3.75 11.34
N ALA A 517 26.91 -3.40 10.13
CA ALA A 517 27.10 -2.04 9.62
C ALA A 517 25.91 -1.10 9.85
N HIS A 518 24.69 -1.64 9.90
CA HIS A 518 23.48 -0.82 9.96
C HIS A 518 22.50 -1.15 11.09
N GLY A 519 22.75 -2.24 11.82
CA GLY A 519 21.90 -2.63 12.94
C GLY A 519 20.64 -3.41 12.55
N VAL A 520 20.52 -3.77 11.28
CA VAL A 520 19.38 -4.56 10.79
C VAL A 520 19.81 -5.54 9.71
N ASP A 521 19.17 -6.70 9.70
CA ASP A 521 19.37 -7.71 8.67
C ASP A 521 18.47 -7.38 7.48
N GLY A 522 19.06 -6.73 6.48
CA GLY A 522 18.33 -6.29 5.31
C GLY A 522 17.77 -7.42 4.46
N SER A 523 18.42 -8.58 4.52
CA SER A 523 18.00 -9.75 3.74
C SER A 523 16.57 -10.21 4.04
N LYS A 524 16.04 -9.82 5.20
CA LYS A 524 14.70 -10.19 5.65
C LYS A 524 13.65 -9.10 5.40
N ILE A 525 14.05 -7.95 4.85
CA ILE A 525 13.10 -6.88 4.55
C ILE A 525 12.30 -7.22 3.28
N TYR A 526 10.98 -7.21 3.40
CA TYR A 526 10.11 -7.64 2.31
C TYR A 526 9.37 -6.46 1.70
N LEU A 527 9.35 -6.40 0.37
CA LEU A 527 8.65 -5.37 -0.39
C LEU A 527 7.47 -5.96 -1.18
N TYR A 528 6.34 -5.27 -1.13
CA TYR A 528 5.22 -5.55 -2.02
C TYR A 528 4.48 -4.27 -2.33
N GLY A 529 3.55 -4.32 -3.28
CA GLY A 529 2.79 -3.13 -3.61
C GLY A 529 1.56 -3.37 -4.45
N ALA A 530 0.80 -2.30 -4.66
CA ALA A 530 -0.38 -2.34 -5.52
C ALA A 530 0.04 -1.91 -6.92
N GLY A 531 0.33 -2.88 -7.78
CA GLY A 531 0.88 -2.59 -9.11
C GLY A 531 -0.16 -2.29 -10.17
N TRP A 532 -1.11 -1.40 -9.86
CA TRP A 532 -2.18 -1.09 -10.80
C TRP A 532 -1.63 -0.31 -11.98
N ASP A 533 -2.03 -0.70 -13.18
CA ASP A 533 -1.51 -0.10 -14.41
C ASP A 533 -2.62 0.69 -15.08
N PHE A 534 -2.55 2.02 -14.99
CA PHE A 534 -3.60 2.86 -15.57
C PHE A 534 -3.11 4.29 -15.84
N ALA A 535 -3.94 5.06 -16.52
CA ALA A 535 -3.65 6.47 -16.78
C ALA A 535 -2.31 6.64 -17.52
N GLU A 536 -1.53 7.66 -17.14
CA GLU A 536 -0.39 8.08 -17.95
C GLU A 536 0.82 7.16 -17.90
N VAL A 537 0.84 6.23 -16.95
CA VAL A 537 1.97 5.29 -16.82
C VAL A 537 1.70 3.95 -17.50
N ALA A 538 0.47 3.73 -17.95
CA ALA A 538 0.11 2.48 -18.62
C ALA A 538 0.89 2.31 -19.93
N ARG A 539 1.05 1.06 -20.34
CA ARG A 539 1.78 0.72 -21.57
C ARG A 539 3.21 1.26 -21.56
N ASN A 540 3.82 1.34 -20.37
CA ASN A 540 5.18 1.83 -20.19
C ASN A 540 5.47 3.22 -20.76
N GLN A 541 4.44 4.07 -20.82
CA GLN A 541 4.54 5.38 -21.47
C GLN A 541 5.60 6.32 -20.87
N ARG A 542 5.81 6.25 -19.56
CA ARG A 542 6.84 7.06 -18.89
C ARG A 542 8.11 6.28 -18.55
N GLY A 543 8.22 5.06 -19.09
CA GLY A 543 9.28 4.12 -18.75
C GLY A 543 8.65 2.85 -18.21
N ILE A 544 9.48 1.84 -17.99
CA ILE A 544 9.00 0.59 -17.40
C ILE A 544 8.59 0.84 -15.94
N ASN A 545 7.28 0.73 -15.69
CA ASN A 545 6.70 1.05 -14.38
C ASN A 545 6.41 -0.20 -13.55
N GLY A 546 6.10 0.01 -12.29
CA GLY A 546 5.89 -1.08 -11.33
C GLY A 546 4.54 -1.77 -11.43
N SER A 547 4.10 -2.06 -12.64
CA SER A 547 2.84 -2.78 -12.85
C SER A 547 2.99 -4.24 -12.43
N GLN A 548 1.85 -4.88 -12.15
CA GLN A 548 1.80 -6.32 -11.88
C GLN A 548 2.62 -7.14 -12.89
N LEU A 549 2.36 -6.93 -14.18
CA LEU A 549 3.07 -7.71 -15.22
C LEU A 549 4.56 -7.40 -15.25
N ASN A 550 4.93 -6.12 -15.12
CA ASN A 550 6.35 -5.75 -15.12
C ASN A 550 7.11 -6.23 -13.89
N MET A 551 6.41 -6.44 -12.77
CA MET A 551 7.07 -6.89 -11.55
C MET A 551 7.14 -8.41 -11.41
N SER A 552 6.60 -9.14 -12.38
CA SER A 552 6.82 -10.59 -12.46
C SER A 552 8.32 -10.86 -12.57
N GLY A 553 8.81 -11.78 -11.75
CA GLY A 553 10.23 -12.16 -11.74
C GLY A 553 11.14 -11.20 -11.01
N THR A 554 10.59 -10.37 -10.12
CA THR A 554 11.39 -9.42 -9.34
C THR A 554 11.50 -9.78 -7.86
N GLY A 555 10.69 -10.74 -7.39
CA GLY A 555 10.63 -11.06 -5.97
C GLY A 555 9.94 -10.00 -5.11
N ILE A 556 9.26 -9.07 -5.76
CA ILE A 556 8.48 -8.04 -5.09
C ILE A 556 7.01 -8.40 -5.28
N GLY A 557 6.25 -8.42 -4.18
CA GLY A 557 4.88 -8.88 -4.24
C GLY A 557 3.93 -7.86 -4.83
N SER A 558 2.81 -8.33 -5.37
CA SER A 558 1.75 -7.41 -5.74
C SER A 558 0.38 -7.99 -5.41
N PHE A 559 -0.57 -7.12 -5.13
CA PHE A 559 -1.92 -7.54 -4.78
C PHE A 559 -2.59 -8.28 -5.92
N ASN A 560 -3.15 -9.44 -5.59
CA ASN A 560 -3.86 -10.28 -6.55
C ASN A 560 -5.34 -9.92 -6.58
N ASP A 561 -5.69 -8.96 -7.42
CA ASP A 561 -7.08 -8.57 -7.60
C ASP A 561 -7.94 -9.64 -8.28
N ARG A 562 -7.31 -10.60 -8.95
CA ARG A 562 -8.07 -11.65 -9.64
C ARG A 562 -8.78 -12.57 -8.64
N ILE A 563 -8.05 -13.01 -7.61
CA ILE A 563 -8.66 -13.88 -6.59
C ILE A 563 -9.70 -13.12 -5.77
N ARG A 564 -9.42 -11.85 -5.47
CA ARG A 564 -10.37 -10.99 -4.77
C ARG A 564 -11.71 -10.92 -5.50
N ASP A 565 -11.67 -10.58 -6.77
CA ASP A 565 -12.91 -10.42 -7.55
C ASP A 565 -13.63 -11.74 -7.84
N ALA A 566 -12.88 -12.82 -7.98
CA ALA A 566 -13.51 -14.12 -8.24
C ALA A 566 -14.25 -14.65 -7.01
N ILE A 567 -13.68 -14.39 -5.83
CA ILE A 567 -14.30 -14.80 -4.58
C ILE A 567 -15.52 -13.93 -4.26
N ASN A 568 -15.33 -12.61 -4.29
CA ASN A 568 -16.41 -11.69 -3.91
C ASN A 568 -17.45 -11.49 -5.00
N GLY A 569 -17.02 -11.50 -6.25
CA GLY A 569 -17.90 -11.27 -7.38
C GLY A 569 -17.77 -9.86 -7.91
N GLY A 570 -17.78 -9.73 -9.24
CA GLY A 570 -17.76 -8.43 -9.89
C GLY A 570 -16.44 -7.72 -9.68
N ASN A 571 -16.51 -6.44 -9.36
N ASN A 571 -16.49 -6.44 -9.34
CA ASN A 571 -15.34 -5.68 -8.99
CA ASN A 571 -15.30 -5.61 -9.15
C ASN A 571 -15.77 -4.50 -8.15
C ASN A 571 -15.72 -4.40 -8.30
N PRO A 572 -14.81 -3.87 -7.45
CA PRO A 572 -15.22 -2.75 -6.57
C PRO A 572 -15.85 -1.54 -7.25
N PHE A 573 -15.64 -1.39 -8.56
CA PHE A 573 -16.20 -0.29 -9.34
C PHE A 573 -17.25 -0.74 -10.37
N GLY A 574 -17.71 -1.98 -10.22
CA GLY A 574 -18.80 -2.50 -11.05
C GLY A 574 -20.10 -2.55 -10.26
N ASN A 575 -21.04 -3.37 -10.70
CA ASN A 575 -22.35 -3.45 -10.05
C ASN A 575 -22.19 -4.06 -8.66
N PRO A 576 -22.61 -3.35 -7.60
CA PRO A 576 -22.38 -3.87 -6.24
C PRO A 576 -23.06 -5.21 -5.94
N LEU A 577 -24.12 -5.54 -6.66
CA LEU A 577 -24.90 -6.75 -6.42
C LEU A 577 -24.44 -7.97 -7.22
N GLN A 578 -23.42 -7.80 -8.07
CA GLN A 578 -22.88 -8.92 -8.84
C GLN A 578 -22.21 -9.94 -7.93
N GLN A 579 -22.66 -11.19 -8.04
CA GLN A 579 -22.21 -12.27 -7.16
C GLN A 579 -20.99 -13.00 -7.68
N GLY A 580 -20.28 -13.65 -6.76
CA GLY A 580 -19.08 -14.40 -7.07
C GLY A 580 -19.11 -15.77 -6.42
N PHE A 581 -17.96 -16.44 -6.45
CA PHE A 581 -17.85 -17.81 -6.00
C PHE A 581 -18.29 -17.99 -4.56
N ASN A 582 -17.91 -17.03 -3.70
CA ASN A 582 -18.25 -17.08 -2.28
C ASN A 582 -19.38 -16.13 -1.87
N THR A 583 -20.11 -15.56 -2.82
CA THR A 583 -21.27 -14.73 -2.47
C THR A 583 -22.56 -15.16 -3.14
N GLY A 584 -22.59 -16.42 -3.60
CA GLY A 584 -23.82 -17.09 -4.01
C GLY A 584 -24.10 -17.16 -5.49
N LEU A 585 -23.12 -16.80 -6.32
CA LEU A 585 -23.29 -16.91 -7.77
C LEU A 585 -23.76 -18.33 -8.13
N PHE A 586 -24.82 -18.42 -8.93
CA PHE A 586 -25.45 -19.68 -9.37
C PHE A 586 -26.15 -20.46 -8.26
N LEU A 587 -25.44 -20.74 -7.19
CA LEU A 587 -25.95 -21.57 -6.09
C LEU A 587 -27.07 -20.89 -5.31
N GLU A 588 -26.96 -19.58 -5.11
CA GLU A 588 -27.90 -18.83 -4.29
C GLU A 588 -28.08 -17.43 -4.84
N PRO A 589 -28.76 -17.31 -6.00
CA PRO A 589 -28.93 -16.00 -6.63
C PRO A 589 -29.68 -15.00 -5.73
N ASN A 590 -29.22 -13.75 -5.69
CA ASN A 590 -29.85 -12.74 -4.84
C ASN A 590 -31.14 -12.12 -5.39
N GLY A 591 -31.43 -12.31 -6.68
CA GLY A 591 -32.70 -11.84 -7.24
C GLY A 591 -32.77 -10.36 -7.58
N PHE A 592 -31.67 -9.63 -7.41
CA PHE A 592 -31.59 -8.23 -7.84
C PHE A 592 -30.82 -8.13 -9.15
N TYR A 593 -29.78 -8.95 -9.28
CA TYR A 593 -28.91 -9.01 -10.45
C TYR A 593 -29.14 -10.34 -11.18
N GLN A 594 -28.37 -10.60 -12.25
CA GLN A 594 -28.00 -11.96 -12.74
C GLN A 594 -27.72 -12.02 -14.24
N GLY A 595 -27.46 -13.24 -14.74
CA GLY A 595 -27.60 -13.58 -16.15
C GLY A 595 -28.60 -14.74 -16.24
N ASN A 596 -28.39 -15.69 -17.16
CA ASN A 596 -29.12 -16.96 -17.09
C ASN A 596 -28.43 -17.91 -16.08
N GLU A 597 -28.69 -19.22 -16.11
CA GLU A 597 -28.12 -20.12 -15.09
C GLU A 597 -27.15 -21.15 -15.65
N ALA A 598 -27.26 -21.45 -16.95
CA ALA A 598 -26.14 -22.03 -17.69
C ALA A 598 -25.07 -20.96 -17.78
N ASP A 599 -25.51 -19.69 -17.76
CA ASP A 599 -24.63 -18.54 -17.70
C ASP A 599 -23.96 -18.48 -16.35
N THR A 600 -24.74 -18.49 -15.27
CA THR A 600 -24.14 -18.36 -13.95
C THR A 600 -23.39 -19.63 -13.54
N ARG A 601 -23.82 -20.82 -14.02
CA ARG A 601 -23.09 -22.06 -13.71
C ARG A 601 -21.70 -22.00 -14.29
N ARG A 602 -21.62 -21.63 -15.58
CA ARG A 602 -20.34 -21.49 -16.25
C ARG A 602 -19.57 -20.28 -15.72
N SER A 603 -20.29 -19.22 -15.35
CA SER A 603 -19.64 -18.05 -14.74
C SER A 603 -19.01 -18.43 -13.42
N LEU A 604 -19.72 -19.24 -12.62
CA LEU A 604 -19.17 -19.75 -11.37
C LEU A 604 -17.91 -20.60 -11.61
N ALA A 605 -17.96 -21.49 -12.59
CA ALA A 605 -16.82 -22.34 -12.94
C ALA A 605 -15.61 -21.51 -13.39
N THR A 606 -15.88 -20.45 -14.16
CA THR A 606 -14.83 -19.53 -14.59
C THR A 606 -14.16 -18.86 -13.38
N TYR A 607 -14.97 -18.42 -12.44
CA TYR A 607 -14.42 -17.86 -11.20
C TYR A 607 -13.63 -18.91 -10.40
N ALA A 608 -14.11 -20.15 -10.38
CA ALA A 608 -13.40 -21.22 -9.67
C ALA A 608 -12.00 -21.46 -10.26
N ASP A 609 -11.89 -21.41 -11.58
CA ASP A 609 -10.57 -21.55 -12.23
C ASP A 609 -9.64 -20.44 -11.78
N GLN A 610 -10.17 -19.21 -11.73
CA GLN A 610 -9.36 -18.05 -11.38
C GLN A 610 -8.88 -18.16 -9.93
N ILE A 611 -9.74 -18.65 -9.06
CA ILE A 611 -9.40 -18.84 -7.66
C ILE A 611 -8.32 -19.91 -7.49
N GLN A 612 -8.43 -21.00 -8.23
CA GLN A 612 -7.45 -22.09 -8.12
C GLN A 612 -6.07 -21.65 -8.58
N ILE A 613 -5.97 -20.89 -9.66
CA ILE A 613 -4.68 -20.32 -10.05
C ILE A 613 -4.10 -19.47 -8.92
N GLY A 614 -4.93 -18.67 -8.28
CA GLY A 614 -4.48 -17.84 -7.15
C GLY A 614 -4.07 -18.67 -5.93
N LEU A 615 -4.85 -19.71 -5.66
CA LEU A 615 -4.55 -20.63 -4.56
C LEU A 615 -3.20 -21.33 -4.77
N ALA A 616 -2.80 -21.52 -6.03
CA ALA A 616 -1.49 -22.07 -6.36
C ALA A 616 -0.42 -20.98 -6.59
N GLY A 617 -0.59 -19.82 -5.95
CA GLY A 617 0.44 -18.78 -5.94
C GLY A 617 0.34 -17.79 -7.09
N ASN A 618 -0.73 -17.89 -7.87
CA ASN A 618 -1.01 -17.02 -9.02
C ASN A 618 0.11 -16.98 -10.06
N LEU A 619 0.66 -18.16 -10.36
CA LEU A 619 1.83 -18.31 -11.21
C LEU A 619 1.46 -18.27 -12.68
N ARG A 620 2.36 -17.70 -13.48
CA ARG A 620 2.14 -17.64 -14.92
C ARG A 620 2.20 -19.01 -15.58
N ASP A 621 3.00 -19.92 -15.01
CA ASP A 621 3.29 -21.22 -15.63
C ASP A 621 2.61 -22.44 -14.99
N TYR A 622 1.83 -22.23 -13.93
CA TYR A 622 1.12 -23.34 -13.30
C TYR A 622 0.03 -23.83 -14.23
N VAL A 623 -0.05 -25.15 -14.41
CA VAL A 623 -1.01 -25.74 -15.34
C VAL A 623 -2.20 -26.31 -14.59
N LEU A 624 -3.39 -25.84 -14.97
CA LEU A 624 -4.65 -26.24 -14.38
C LEU A 624 -5.55 -26.83 -15.45
N ILE A 625 -6.24 -27.92 -15.12
CA ILE A 625 -7.33 -28.41 -15.96
C ILE A 625 -8.48 -27.43 -15.78
N SER A 626 -8.74 -26.62 -16.81
CA SER A 626 -9.76 -25.57 -16.75
C SER A 626 -11.14 -26.16 -16.89
N HIS A 627 -12.16 -25.33 -16.68
CA HIS A 627 -13.54 -25.83 -16.63
C HIS A 627 -14.08 -26.28 -18.00
N THR A 628 -13.39 -25.92 -19.08
CA THR A 628 -13.71 -26.50 -20.41
C THR A 628 -13.16 -27.92 -20.55
N GLY A 629 -12.23 -28.30 -19.68
CA GLY A 629 -11.51 -29.57 -19.79
C GLY A 629 -10.11 -29.39 -20.35
N GLU A 630 -9.87 -28.24 -20.99
CA GLU A 630 -8.55 -27.92 -21.53
C GLU A 630 -7.59 -27.54 -20.39
N ALA A 631 -6.41 -28.14 -20.41
CA ALA A 631 -5.32 -27.75 -19.52
C ALA A 631 -4.75 -26.42 -20.00
N LYS A 632 -4.62 -25.45 -19.09
CA LYS A 632 -4.10 -24.13 -19.42
C LYS A 632 -3.13 -23.64 -18.36
N LYS A 633 -2.11 -22.89 -18.79
CA LYS A 633 -1.21 -22.19 -17.88
C LYS A 633 -1.98 -21.05 -17.23
N GLY A 634 -1.57 -20.65 -16.04
CA GLY A 634 -2.21 -19.55 -15.33
C GLY A 634 -2.32 -18.26 -16.13
N SER A 635 -1.32 -17.98 -16.96
CA SER A 635 -1.31 -16.79 -17.79
C SER A 635 -2.20 -16.90 -19.04
N GLU A 636 -2.65 -18.12 -19.35
CA GLU A 636 -3.52 -18.37 -20.50
C GLU A 636 -5.00 -18.26 -20.12
N ILE A 637 -5.28 -18.39 -18.83
CA ILE A 637 -6.61 -18.12 -18.29
C ILE A 637 -6.71 -16.61 -18.09
N HIS A 638 -7.79 -16.01 -18.61
CA HIS A 638 -7.93 -14.56 -18.60
C HIS A 638 -9.08 -14.07 -17.73
N THR A 639 -8.95 -12.83 -17.26
CA THR A 639 -10.05 -12.13 -16.59
C THR A 639 -11.01 -11.56 -17.65
N PHE A 640 -12.03 -10.85 -17.19
CA PHE A 640 -13.06 -10.30 -18.09
C PHE A 640 -12.52 -9.10 -18.88
N ASP A 641 -11.48 -8.46 -18.36
CA ASP A 641 -10.76 -7.40 -19.06
C ASP A 641 -9.58 -7.93 -19.88
N GLY A 642 -9.53 -9.24 -20.10
CA GLY A 642 -8.51 -9.85 -20.95
C GLY A 642 -7.10 -9.92 -20.35
N LEU A 643 -7.01 -9.73 -19.03
CA LEU A 643 -5.71 -9.77 -18.33
C LEU A 643 -5.40 -11.23 -18.02
N PRO A 644 -4.11 -11.63 -18.11
CA PRO A 644 -3.78 -12.97 -17.63
C PRO A 644 -4.05 -13.09 -16.13
N VAL A 645 -4.68 -14.18 -15.70
CA VAL A 645 -5.01 -14.35 -14.30
C VAL A 645 -3.72 -14.54 -13.50
N GLY A 646 -2.98 -15.60 -13.81
CA GLY A 646 -1.69 -15.87 -13.19
C GLY A 646 -0.59 -15.12 -13.91
N TYR A 647 0.22 -14.37 -13.18
CA TYR A 647 1.27 -13.55 -13.80
C TYR A 647 2.62 -13.57 -13.09
N THR A 648 2.73 -14.26 -11.95
CA THR A 648 3.96 -14.22 -11.18
C THR A 648 4.92 -15.36 -11.53
N ALA A 649 6.18 -15.19 -11.12
CA ALA A 649 7.22 -16.21 -11.29
C ALA A 649 7.49 -16.97 -10.00
N SER A 650 6.80 -16.59 -8.92
CA SER A 650 7.03 -17.14 -7.58
C SER A 650 5.84 -16.85 -6.68
N PRO A 651 5.53 -17.74 -5.73
CA PRO A 651 4.49 -17.42 -4.75
C PRO A 651 4.79 -16.18 -3.92
N ILE A 652 6.07 -15.84 -3.71
CA ILE A 652 6.40 -14.65 -2.92
C ILE A 652 6.07 -13.34 -3.65
N GLU A 653 5.71 -13.43 -4.93
CA GLU A 653 5.27 -12.28 -5.71
C GLU A 653 3.76 -12.04 -5.65
N THR A 654 3.03 -12.90 -4.93
CA THR A 654 1.58 -12.82 -4.86
C THR A 654 1.09 -12.47 -3.47
N ILE A 655 0.34 -11.36 -3.38
CA ILE A 655 -0.36 -10.98 -2.16
C ILE A 655 -1.83 -11.33 -2.39
N ASN A 656 -2.25 -12.46 -1.82
CA ASN A 656 -3.63 -12.92 -1.95
C ASN A 656 -4.52 -12.24 -0.92
N TYR A 657 -5.59 -11.61 -1.41
CA TYR A 657 -6.54 -10.92 -0.53
C TYR A 657 -7.96 -10.93 -1.08
N VAL A 658 -8.91 -10.72 -0.16
CA VAL A 658 -10.31 -10.50 -0.48
C VAL A 658 -10.82 -9.17 0.08
N SER A 659 -9.96 -8.48 0.85
CA SER A 659 -10.36 -7.31 1.59
C SER A 659 -9.13 -6.49 1.96
N ALA A 660 -9.33 -5.18 2.09
CA ALA A 660 -8.27 -4.25 2.47
C ALA A 660 -8.95 -2.98 2.93
N HIS A 661 -8.17 -1.95 3.25
CA HIS A 661 -8.75 -0.69 3.74
C HIS A 661 -9.66 -0.08 2.68
N ASP A 662 -9.29 -0.20 1.40
CA ASP A 662 -10.10 0.31 0.29
C ASP A 662 -11.33 -0.55 0.08
N ASN A 663 -12.41 0.09 -0.38
CA ASN A 663 -13.65 -0.61 -0.75
C ASN A 663 -14.34 -1.23 0.46
N GLU A 664 -15.34 -2.08 0.22
CA GLU A 664 -16.17 -2.58 1.31
C GLU A 664 -15.41 -3.61 2.12
N THR A 665 -15.62 -3.63 3.43
CA THR A 665 -15.05 -4.68 4.26
C THR A 665 -15.58 -6.04 3.81
N LEU A 666 -14.88 -7.10 4.22
CA LEU A 666 -15.31 -8.45 3.92
C LEU A 666 -16.75 -8.70 4.37
N PHE A 667 -17.07 -8.32 5.60
CA PHE A 667 -18.41 -8.53 6.13
C PHE A 667 -19.46 -7.75 5.31
N ASP A 668 -19.13 -6.52 4.96
CA ASP A 668 -20.05 -5.67 4.23
C ASP A 668 -20.29 -6.16 2.80
N VAL A 669 -19.22 -6.59 2.12
CA VAL A 669 -19.39 -7.07 0.75
C VAL A 669 -20.26 -8.33 0.73
N ILE A 670 -20.06 -9.20 1.71
CA ILE A 670 -20.89 -10.41 1.83
C ILE A 670 -22.35 -10.06 2.13
N SER A 671 -22.57 -9.07 3.00
CA SER A 671 -23.92 -8.62 3.37
C SER A 671 -24.65 -7.96 2.20
N VAL A 672 -23.91 -7.35 1.28
CA VAL A 672 -24.51 -6.73 0.10
C VAL A 672 -24.89 -7.76 -0.96
N LYS A 673 -24.00 -8.71 -1.22
CA LYS A 673 -24.09 -9.57 -2.39
C LYS A 673 -24.92 -10.84 -2.18
N THR A 674 -24.91 -11.39 -0.97
CA THR A 674 -25.66 -12.63 -0.70
C THR A 674 -27.16 -12.34 -0.67
N PRO A 675 -28.00 -13.37 -0.88
CA PRO A 675 -29.43 -13.15 -0.72
C PRO A 675 -29.78 -12.54 0.64
N MET A 676 -30.70 -11.59 0.63
CA MET A 676 -31.17 -10.94 1.85
C MET A 676 -31.69 -11.93 2.89
N ILE A 677 -32.30 -13.03 2.45
CA ILE A 677 -32.94 -13.99 3.35
C ILE A 677 -31.96 -14.86 4.16
N LEU A 678 -30.67 -14.87 3.79
CA LEU A 678 -29.71 -15.63 4.58
C LEU A 678 -29.66 -15.08 6.00
N SER A 679 -29.47 -15.98 6.96
CA SER A 679 -29.26 -15.57 8.35
C SER A 679 -27.86 -14.99 8.48
N VAL A 680 -27.67 -14.15 9.50
CA VAL A 680 -26.34 -13.67 9.84
C VAL A 680 -25.42 -14.85 10.20
N ASP A 681 -25.98 -15.92 10.77
CA ASP A 681 -25.19 -17.12 11.08
C ASP A 681 -24.57 -17.70 9.80
N GLU A 682 -25.37 -17.74 8.73
CA GLU A 682 -24.88 -18.25 7.45
C GLU A 682 -23.83 -17.32 6.87
N ARG A 683 -24.08 -16.01 6.93
CA ARG A 683 -23.10 -15.04 6.45
C ARG A 683 -21.79 -15.12 7.23
N CYS A 684 -21.85 -15.43 8.52
CA CYS A 684 -20.62 -15.57 9.30
C CYS A 684 -19.75 -16.73 8.78
N ARG A 685 -20.39 -17.83 8.40
CA ARG A 685 -19.67 -18.95 7.80
C ARG A 685 -19.04 -18.54 6.48
N ILE A 686 -19.75 -17.69 5.73
CA ILE A 686 -19.24 -17.22 4.45
C ILE A 686 -18.00 -16.32 4.64
N ASN A 687 -18.04 -15.47 5.66
CA ASN A 687 -16.87 -14.66 6.04
C ASN A 687 -15.66 -15.54 6.30
N HIS A 688 -15.88 -16.59 7.10
CA HIS A 688 -14.82 -17.53 7.42
C HIS A 688 -14.25 -18.24 6.19
N LEU A 689 -15.12 -18.62 5.26
CA LEU A 689 -14.69 -19.26 4.02
C LEU A 689 -13.70 -18.38 3.24
N ALA A 690 -14.04 -17.11 3.11
CA ALA A 690 -13.20 -16.15 2.36
C ALA A 690 -11.83 -15.98 3.01
N SER A 691 -11.80 -15.70 4.31
N SER A 691 -11.81 -15.71 4.32
CA SER A 691 -10.51 -15.54 4.99
CA SER A 691 -10.57 -15.57 5.06
C SER A 691 -9.70 -16.83 5.02
C SER A 691 -9.72 -16.83 4.98
N SER A 692 -10.38 -17.98 5.00
CA SER A 692 -9.70 -19.29 4.96
C SER A 692 -9.09 -19.59 3.60
N MET A 693 -9.77 -19.17 2.53
CA MET A 693 -9.18 -19.25 1.21
C MET A 693 -7.87 -18.48 1.12
N MET A 694 -7.78 -17.34 1.82
CA MET A 694 -6.53 -16.60 1.86
C MET A 694 -5.49 -17.32 2.71
N ALA A 695 -5.90 -17.71 3.91
CA ALA A 695 -4.99 -18.30 4.90
C ALA A 695 -4.44 -19.66 4.51
N LEU A 696 -5.10 -20.37 3.60
CA LEU A 696 -4.61 -21.67 3.14
C LEU A 696 -4.15 -21.64 1.68
N SER A 697 -3.90 -20.44 1.14
CA SER A 697 -3.40 -20.31 -0.23
C SER A 697 -1.88 -20.39 -0.26
N GLN A 698 -1.34 -20.80 -1.41
CA GLN A 698 0.08 -20.62 -1.69
C GLN A 698 0.23 -19.15 -2.04
N GLY A 699 1.40 -18.59 -1.75
CA GLY A 699 1.59 -17.15 -1.84
C GLY A 699 1.52 -16.53 -0.46
N ILE A 700 1.32 -15.22 -0.40
CA ILE A 700 1.35 -14.49 0.85
C ILE A 700 -0.07 -14.01 1.19
N PRO A 701 -0.68 -14.58 2.23
CA PRO A 701 -2.03 -14.12 2.63
C PRO A 701 -2.02 -12.73 3.26
N PHE A 702 -3.04 -11.95 2.91
CA PHE A 702 -3.20 -10.58 3.38
C PHE A 702 -4.60 -10.44 3.96
N PHE A 703 -4.67 -10.01 5.22
CA PHE A 703 -5.94 -9.84 5.92
C PHE A 703 -6.13 -8.36 6.24
N HIS A 704 -7.34 -7.87 6.01
CA HIS A 704 -7.72 -6.55 6.48
C HIS A 704 -8.04 -6.65 7.97
N ALA A 705 -7.50 -5.75 8.79
CA ALA A 705 -7.84 -5.74 10.22
C ALA A 705 -9.35 -5.72 10.39
N GLY A 706 -9.86 -6.71 11.11
CA GLY A 706 -11.30 -6.87 11.28
C GLY A 706 -11.95 -8.01 10.49
N ASP A 707 -11.26 -8.55 9.48
CA ASP A 707 -11.74 -9.79 8.81
C ASP A 707 -12.14 -10.84 9.85
N GLU A 708 -11.31 -10.94 10.89
CA GLU A 708 -11.42 -11.96 11.91
C GLU A 708 -12.54 -11.71 12.94
N ILE A 709 -13.09 -10.50 12.94
CA ILE A 709 -14.17 -10.13 13.87
C ILE A 709 -15.35 -9.46 13.15
N LEU A 710 -15.56 -9.80 11.87
CA LEU A 710 -16.77 -9.40 11.15
C LEU A 710 -16.90 -7.89 11.01
N ARG A 711 -15.77 -7.19 10.92
CA ARG A 711 -15.77 -5.73 10.95
C ARG A 711 -16.60 -5.12 9.81
N SER A 712 -17.43 -4.15 10.19
CA SER A 712 -18.26 -3.39 9.26
C SER A 712 -17.90 -1.91 9.31
N LYS A 713 -18.16 -1.23 8.20
CA LYS A 713 -18.10 0.22 8.15
C LYS A 713 -19.47 0.76 7.72
N SER A 714 -20.52 0.00 8.02
CA SER A 714 -21.88 0.30 7.52
C SER A 714 -21.88 0.50 6.00
N ILE A 715 -21.08 -0.33 5.33
CA ILE A 715 -21.03 -0.45 3.89
C ILE A 715 -20.34 0.75 3.18
N ASP A 716 -19.59 1.55 3.95
CA ASP A 716 -18.74 2.59 3.36
C ASP A 716 -17.73 1.98 2.38
N ARG A 717 -17.73 2.44 1.13
CA ARG A 717 -16.79 1.92 0.12
CA ARG A 717 -16.79 1.91 0.14
C ARG A 717 -15.44 2.62 0.14
N ASP A 718 -15.35 3.75 0.84
CA ASP A 718 -14.09 4.51 0.88
C ASP A 718 -14.05 5.36 2.13
N SER A 719 -13.65 4.75 3.24
CA SER A 719 -13.80 5.36 4.56
C SER A 719 -12.64 6.25 5.01
N TYR A 720 -11.80 6.69 4.06
CA TYR A 720 -10.58 7.46 4.35
C TYR A 720 -10.76 8.70 5.24
N ASN A 721 -11.94 9.32 5.16
CA ASN A 721 -12.23 10.54 5.89
C ASN A 721 -13.56 10.42 6.63
N SER A 722 -13.97 9.18 6.90
CA SER A 722 -15.28 8.91 7.49
C SER A 722 -15.23 8.84 9.02
N GLY A 723 -14.08 9.16 9.60
CA GLY A 723 -13.96 9.35 11.03
C GLY A 723 -13.91 8.07 11.84
N ASP A 724 -13.76 8.21 13.14
CA ASP A 724 -13.78 7.07 14.04
C ASP A 724 -15.15 6.40 14.07
N TRP A 725 -16.21 7.13 13.74
CA TRP A 725 -17.56 6.57 13.80
C TRP A 725 -17.73 5.40 12.82
N PHE A 726 -17.39 5.63 11.57
CA PHE A 726 -17.56 4.60 10.54
C PHE A 726 -16.44 3.55 10.53
N ASN A 727 -15.29 3.91 11.09
CA ASN A 727 -14.10 3.04 11.06
C ASN A 727 -13.86 2.28 12.36
N LYS A 728 -14.82 2.32 13.27
CA LYS A 728 -14.66 1.73 14.60
C LYS A 728 -14.17 0.28 14.59
N LEU A 729 -13.10 0.04 15.34
CA LEU A 729 -12.60 -1.31 15.63
C LEU A 729 -12.87 -1.55 17.11
N ASP A 730 -13.74 -2.52 17.40
CA ASP A 730 -14.24 -2.70 18.77
C ASP A 730 -13.65 -3.96 19.40
N PHE A 731 -12.59 -3.78 20.19
CA PHE A 731 -11.94 -4.92 20.83
C PHE A 731 -12.60 -5.41 22.12
N THR A 732 -13.78 -4.87 22.46
CA THR A 732 -14.66 -5.52 23.45
C THR A 732 -15.47 -6.66 22.80
N TYR A 733 -15.53 -6.65 21.46
CA TYR A 733 -16.26 -7.64 20.66
C TYR A 733 -17.80 -7.57 20.82
N GLU A 734 -18.29 -6.48 21.40
CA GLU A 734 -19.72 -6.30 21.63
C GLU A 734 -20.46 -5.91 20.34
N THR A 735 -19.76 -5.22 19.45
CA THR A 735 -20.33 -4.75 18.18
C THR A 735 -19.32 -4.92 17.07
N ASN A 736 -19.83 -5.04 15.84
CA ASN A 736 -18.97 -5.02 14.66
C ASN A 736 -19.13 -3.73 13.83
N ASN A 737 -19.94 -2.80 14.32
CA ASN A 737 -20.19 -1.52 13.66
C ASN A 737 -21.11 -1.60 12.44
N TRP A 738 -21.89 -2.67 12.34
CA TRP A 738 -22.96 -2.75 11.36
C TRP A 738 -24.15 -1.93 11.87
N GLY A 739 -24.83 -1.22 10.98
CA GLY A 739 -26.06 -0.50 11.31
C GLY A 739 -25.83 0.78 12.10
N VAL A 740 -24.86 1.57 11.68
CA VAL A 740 -24.53 2.82 12.36
C VAL A 740 -24.79 4.04 11.46
N GLY A 741 -25.75 3.89 10.54
CA GLY A 741 -26.13 4.96 9.62
C GLY A 741 -25.65 4.70 8.21
N LEU A 742 -26.30 5.35 7.25
CA LEU A 742 -25.79 5.36 5.88
C LEU A 742 -24.41 6.02 5.87
N PRO A 743 -23.45 5.46 5.10
CA PRO A 743 -22.12 6.05 5.09
C PRO A 743 -22.06 7.34 4.27
N PRO A 744 -20.94 8.10 4.38
CA PRO A 744 -20.89 9.45 3.80
C PRO A 744 -21.29 9.56 2.32
N SER A 745 -22.10 10.56 2.02
CA SER A 745 -22.72 10.72 0.71
C SER A 745 -21.73 10.86 -0.44
N GLU A 746 -20.64 11.59 -0.20
CA GLU A 746 -19.60 11.86 -1.21
C GLU A 746 -19.27 10.61 -2.05
N LYS A 747 -18.98 9.51 -1.37
CA LYS A 747 -18.56 8.28 -2.03
C LYS A 747 -19.66 7.22 -2.13
N ASN A 748 -20.73 7.35 -1.35
CA ASN A 748 -21.71 6.27 -1.21
C ASN A 748 -23.16 6.54 -1.63
N GLU A 749 -23.53 7.80 -1.87
CA GLU A 749 -24.96 8.14 -2.03
C GLU A 749 -25.66 7.35 -3.13
N ASP A 750 -24.97 7.11 -4.24
CA ASP A 750 -25.55 6.32 -5.35
C ASP A 750 -26.03 4.93 -4.92
N ASN A 751 -25.39 4.37 -3.89
CA ASN A 751 -25.75 3.03 -3.38
C ASN A 751 -26.57 3.04 -2.10
N TRP A 752 -26.93 4.21 -1.59
CA TRP A 752 -27.77 4.25 -0.39
C TRP A 752 -29.05 3.40 -0.50
N PRO A 753 -29.70 3.36 -1.69
CA PRO A 753 -30.94 2.56 -1.73
C PRO A 753 -30.77 1.07 -1.43
N LEU A 754 -29.65 0.47 -1.83
CA LEU A 754 -29.39 -0.93 -1.49
C LEU A 754 -28.90 -1.08 -0.05
N MET A 755 -28.22 -0.05 0.47
CA MET A 755 -27.68 -0.12 1.83
C MET A 755 -28.77 0.01 2.89
N LYS A 756 -29.67 0.97 2.72
CA LYS A 756 -30.60 1.33 3.78
C LYS A 756 -31.38 0.15 4.35
N PRO A 757 -32.07 -0.62 3.49
CA PRO A 757 -32.87 -1.71 4.06
C PRO A 757 -32.03 -2.77 4.77
N ARG A 758 -30.81 -3.00 4.30
CA ARG A 758 -29.95 -3.98 4.94
C ARG A 758 -29.44 -3.45 6.27
N LEU A 759 -29.04 -2.18 6.30
CA LEU A 759 -28.55 -1.58 7.55
C LEU A 759 -29.63 -1.58 8.62
N GLU A 760 -30.89 -1.38 8.21
CA GLU A 760 -32.04 -1.34 9.14
C GLU A 760 -32.55 -2.70 9.59
N ASN A 761 -32.18 -3.75 8.87
CA ASN A 761 -32.70 -5.07 9.15
C ASN A 761 -31.97 -5.68 10.35
N PRO A 762 -32.67 -5.89 11.47
CA PRO A 762 -31.97 -6.42 12.65
C PRO A 762 -31.36 -7.81 12.43
N SER A 763 -31.91 -8.56 11.47
CA SER A 763 -31.41 -9.91 11.16
C SER A 763 -30.00 -9.91 10.55
N PHE A 764 -29.53 -8.75 10.08
CA PHE A 764 -28.20 -8.63 9.46
C PHE A 764 -27.09 -8.40 10.48
N LYS A 765 -27.43 -8.02 11.70
CA LYS A 765 -26.44 -7.58 12.67
C LYS A 765 -25.96 -8.74 13.53
N PRO A 766 -24.65 -9.00 13.56
CA PRO A 766 -24.16 -10.07 14.43
C PRO A 766 -24.09 -9.64 15.88
N ALA A 767 -24.18 -10.62 16.77
CA ALA A 767 -24.00 -10.45 18.19
C ALA A 767 -22.56 -10.81 18.60
N LYS A 768 -22.25 -10.56 19.87
CA LYS A 768 -20.93 -10.85 20.41
C LYS A 768 -20.52 -12.30 20.14
N GLY A 769 -21.45 -13.23 20.28
CA GLY A 769 -21.15 -14.65 20.08
C GLY A 769 -20.66 -14.97 18.69
N HIS A 770 -21.27 -14.33 17.69
CA HIS A 770 -20.82 -14.48 16.30
C HIS A 770 -19.43 -13.90 16.12
N ILE A 771 -19.18 -12.73 16.71
CA ILE A 771 -17.90 -12.06 16.57
C ILE A 771 -16.79 -12.90 17.18
N LEU A 772 -17.02 -13.40 18.39
CA LEU A 772 -16.05 -14.28 19.05
C LEU A 772 -15.83 -15.60 18.33
N ALA A 773 -16.87 -16.17 17.75
CA ALA A 773 -16.76 -17.41 16.97
C ALA A 773 -15.92 -17.20 15.72
N ALA A 774 -16.11 -16.05 15.07
CA ALA A 774 -15.33 -15.70 13.90
C ALA A 774 -13.85 -15.61 14.25
N LEU A 775 -13.55 -14.97 15.37
CA LEU A 775 -12.18 -14.80 15.83
C LEU A 775 -11.53 -16.14 16.14
N ASP A 776 -12.28 -17.01 16.81
CA ASP A 776 -11.78 -18.35 17.16
C ASP A 776 -11.48 -19.20 15.92
N SER A 777 -12.37 -19.22 14.95
CA SER A 777 -12.14 -20.01 13.74
C SER A 777 -11.02 -19.40 12.88
N PHE A 778 -10.91 -18.07 12.89
CA PHE A 778 -9.84 -17.38 12.14
C PHE A 778 -8.47 -17.78 12.67
N VAL A 779 -8.32 -17.74 13.99
CA VAL A 779 -7.08 -18.11 14.66
C VAL A 779 -6.75 -19.60 14.39
N ASP A 780 -7.78 -20.44 14.36
CA ASP A 780 -7.59 -21.87 14.07
C ASP A 780 -7.05 -22.08 12.66
N ILE A 781 -7.56 -21.33 11.69
CA ILE A 781 -7.09 -21.50 10.31
C ILE A 781 -5.65 -21.01 10.15
N LEU A 782 -5.28 -19.93 10.85
CA LEU A 782 -3.89 -19.47 10.87
C LEU A 782 -2.97 -20.53 11.47
N LYS A 783 -3.39 -21.11 12.58
CA LYS A 783 -2.65 -22.21 13.21
C LYS A 783 -2.43 -23.36 12.22
N ILE A 784 -3.45 -23.68 11.44
CA ILE A 784 -3.34 -24.73 10.43
C ILE A 784 -2.29 -24.37 9.37
N ARG A 785 -2.32 -23.14 8.88
CA ARG A 785 -1.33 -22.71 7.89
C ARG A 785 0.07 -22.97 8.41
N TYR A 786 0.29 -22.64 9.68
CA TYR A 786 1.63 -22.71 10.25
C TYR A 786 1.96 -24.09 10.83
N SER A 787 1.02 -25.03 10.75
CA SER A 787 1.24 -26.41 11.20
C SER A 787 1.98 -27.27 10.17
N SER A 788 2.02 -26.81 8.92
CA SER A 788 2.66 -27.57 7.85
C SER A 788 3.36 -26.64 6.85
N PRO A 789 4.65 -26.91 6.56
CA PRO A 789 5.34 -26.14 5.52
C PRO A 789 4.70 -26.30 4.13
N LEU A 790 3.85 -27.31 3.95
CA LEU A 790 3.22 -27.59 2.67
C LEU A 790 2.29 -26.47 2.19
N PHE A 791 1.72 -25.70 3.13
CA PHE A 791 0.86 -24.58 2.77
C PHE A 791 1.65 -23.36 2.26
N ARG A 792 2.97 -23.37 2.47
CA ARG A 792 3.82 -22.21 2.30
C ARG A 792 5.03 -22.52 1.43
N LEU A 793 4.79 -23.17 0.29
CA LEU A 793 5.86 -23.59 -0.59
C LEU A 793 6.61 -22.38 -1.13
N SER A 794 7.92 -22.50 -1.24
CA SER A 794 8.76 -21.33 -1.45
C SER A 794 9.08 -21.05 -2.91
N THR A 795 8.82 -22.00 -3.81
CA THR A 795 9.13 -21.82 -5.23
C THR A 795 8.04 -22.32 -6.16
N ALA A 796 8.05 -21.80 -7.39
CA ALA A 796 7.14 -22.25 -8.44
C ALA A 796 7.34 -23.73 -8.76
N ASN A 797 8.59 -24.17 -8.79
CA ASN A 797 8.90 -25.59 -9.03
C ASN A 797 8.19 -26.49 -8.00
N ASP A 798 8.28 -26.12 -6.73
CA ASP A 798 7.63 -26.88 -5.65
C ASP A 798 6.11 -26.94 -5.81
N ILE A 799 5.51 -25.82 -6.17
CA ILE A 799 4.06 -25.77 -6.38
C ILE A 799 3.62 -26.61 -7.59
N LYS A 800 4.37 -26.53 -8.68
CA LYS A 800 4.04 -27.31 -9.87
C LYS A 800 4.16 -28.81 -9.59
N GLN A 801 5.16 -29.18 -8.80
CA GLN A 801 5.37 -30.58 -8.40
C GLN A 801 4.32 -31.12 -7.42
N ARG A 802 3.90 -30.28 -6.46
CA ARG A 802 3.18 -30.75 -5.27
C ARG A 802 1.70 -30.41 -5.17
N VAL A 803 1.27 -29.36 -5.87
CA VAL A 803 -0.10 -28.86 -5.72
C VAL A 803 -0.98 -29.31 -6.88
N ARG A 804 -2.07 -29.98 -6.56
CA ARG A 804 -3.03 -30.43 -7.58
C ARG A 804 -4.44 -30.12 -7.13
N PHE A 805 -5.30 -29.81 -8.08
CA PHE A 805 -6.72 -29.59 -7.82
C PHE A 805 -7.51 -30.78 -8.35
N HIS A 806 -8.55 -31.17 -7.60
CA HIS A 806 -9.24 -32.43 -7.85
C HIS A 806 -10.72 -32.30 -8.17
N ASN A 807 -11.24 -31.09 -8.27
CA ASN A 807 -12.59 -30.87 -8.77
C ASN A 807 -12.54 -29.89 -9.93
N THR A 808 -12.30 -30.42 -11.12
CA THR A 808 -12.02 -29.61 -12.30
C THR A 808 -12.75 -30.14 -13.53
N GLY A 809 -12.72 -29.37 -14.61
CA GLY A 809 -13.28 -29.80 -15.89
C GLY A 809 -14.74 -29.44 -16.13
N PRO A 810 -15.30 -29.86 -17.29
CA PRO A 810 -16.67 -29.50 -17.69
C PRO A 810 -17.76 -30.03 -16.77
N SER A 811 -17.49 -31.12 -16.06
CA SER A 811 -18.45 -31.68 -15.14
C SER A 811 -18.12 -31.36 -13.68
N LEU A 812 -17.30 -30.34 -13.43
CA LEU A 812 -16.91 -30.04 -12.05
C LEU A 812 -18.13 -29.79 -11.20
N VAL A 813 -18.04 -30.19 -9.93
CA VAL A 813 -19.12 -30.01 -8.98
C VAL A 813 -19.17 -28.53 -8.60
N PRO A 814 -20.30 -27.85 -8.89
CA PRO A 814 -20.34 -26.42 -8.57
C PRO A 814 -20.15 -26.13 -7.08
N GLY A 815 -19.37 -25.10 -6.78
CA GLY A 815 -19.21 -24.60 -5.40
C GLY A 815 -18.22 -25.33 -4.52
N VAL A 816 -17.35 -26.14 -5.13
CA VAL A 816 -16.36 -26.90 -4.38
C VAL A 816 -14.98 -26.78 -5.03
N ILE A 817 -13.98 -26.48 -4.22
CA ILE A 817 -12.58 -26.56 -4.64
C ILE A 817 -11.88 -27.57 -3.74
N VAL A 818 -11.16 -28.50 -4.36
CA VAL A 818 -10.39 -29.51 -3.64
C VAL A 818 -8.92 -29.35 -4.01
N MET A 819 -8.08 -29.06 -3.02
CA MET A 819 -6.67 -28.77 -3.23
C MET A 819 -5.81 -29.74 -2.44
N GLY A 820 -4.98 -30.52 -3.13
CA GLY A 820 -4.06 -31.46 -2.50
C GLY A 820 -2.64 -30.96 -2.59
N ILE A 821 -1.87 -31.18 -1.53
CA ILE A 821 -0.46 -30.84 -1.52
C ILE A 821 0.35 -32.05 -1.03
N GLU A 822 1.26 -32.51 -1.87
CA GLU A 822 2.03 -33.74 -1.66
C GLU A 822 3.38 -33.47 -1.02
N ASP A 823 3.84 -34.38 -0.16
CA ASP A 823 5.20 -34.37 0.36
C ASP A 823 5.87 -35.71 0.06
N ALA A 824 7.17 -35.80 0.29
CA ALA A 824 7.93 -37.04 0.06
C ALA A 824 7.31 -38.20 0.84
N ARG A 825 7.21 -39.36 0.21
CA ARG A 825 6.65 -40.54 0.88
C ARG A 825 7.23 -41.84 0.36
N GLY A 826 7.20 -42.87 1.21
CA GLY A 826 7.80 -44.17 0.91
C GLY A 826 9.32 -44.14 0.97
N GLU A 827 9.94 -45.29 0.70
CA GLU A 827 11.38 -45.36 0.51
C GLU A 827 11.67 -44.99 -0.94
N SER A 828 12.86 -44.42 -1.18
CA SER A 828 13.23 -43.89 -2.50
C SER A 828 12.30 -42.75 -2.92
N PRO A 829 12.27 -41.66 -2.13
CA PRO A 829 11.34 -40.56 -2.39
C PRO A 829 11.65 -39.76 -3.66
N GLU A 830 10.63 -39.07 -4.16
CA GLU A 830 10.67 -38.38 -5.44
C GLU A 830 11.03 -36.89 -5.31
N MET A 831 10.94 -36.36 -4.09
CA MET A 831 11.09 -34.94 -3.80
C MET A 831 11.62 -34.82 -2.38
N ALA A 832 12.08 -33.63 -1.99
CA ALA A 832 12.55 -33.40 -0.62
C ALA A 832 11.39 -33.54 0.36
N GLN A 833 11.70 -34.02 1.57
CA GLN A 833 10.73 -34.07 2.66
C GLN A 833 10.71 -32.73 3.39
N LEU A 834 9.61 -32.00 3.23
CA LEU A 834 9.47 -30.69 3.87
C LEU A 834 8.77 -30.78 5.23
N ASP A 835 7.93 -31.79 5.40
CA ASP A 835 7.06 -31.89 6.56
C ASP A 835 7.34 -33.18 7.33
N THR A 836 7.78 -33.04 8.57
CA THR A 836 8.11 -34.18 9.41
C THR A 836 6.87 -34.83 10.05
N ASN A 837 5.72 -34.15 9.98
CA ASN A 837 4.49 -34.62 10.63
C ASN A 837 3.46 -35.22 9.67
N PHE A 838 3.36 -34.64 8.46
CA PHE A 838 2.35 -35.04 7.48
C PHE A 838 2.99 -35.34 6.13
N SER A 839 2.47 -36.35 5.43
CA SER A 839 2.98 -36.71 4.10
C SER A 839 2.09 -36.18 2.98
N TYR A 840 0.96 -35.59 3.37
CA TYR A 840 -0.03 -35.10 2.41
C TYR A 840 -1.05 -34.25 3.17
N VAL A 841 -1.54 -33.21 2.51
CA VAL A 841 -2.62 -32.39 3.04
C VAL A 841 -3.63 -32.18 1.90
N VAL A 842 -4.91 -32.17 2.25
CA VAL A 842 -6.00 -31.88 1.33
C VAL A 842 -6.93 -30.86 1.99
N THR A 843 -7.24 -29.79 1.28
CA THR A 843 -8.22 -28.82 1.73
C THR A 843 -9.42 -28.84 0.81
N VAL A 844 -10.61 -28.90 1.42
CA VAL A 844 -11.86 -28.81 0.67
C VAL A 844 -12.58 -27.53 1.06
N PHE A 845 -12.79 -26.65 0.09
CA PHE A 845 -13.61 -25.46 0.27
C PHE A 845 -14.98 -25.75 -0.31
N ASN A 846 -15.99 -25.85 0.55
CA ASN A 846 -17.37 -26.05 0.13
C ASN A 846 -18.24 -24.84 0.40
N VAL A 847 -18.56 -24.08 -0.65
CA VAL A 847 -19.46 -22.91 -0.54
C VAL A 847 -20.93 -23.27 -0.74
N CYS A 848 -21.23 -24.53 -1.06
CA CYS A 848 -22.61 -24.97 -1.21
C CYS A 848 -23.32 -24.87 0.13
N PRO A 849 -24.63 -24.55 0.10
CA PRO A 849 -25.38 -24.51 1.35
C PRO A 849 -25.67 -25.88 1.95
N HIS A 850 -25.24 -26.95 1.28
CA HIS A 850 -25.51 -28.31 1.71
C HIS A 850 -24.21 -29.10 1.79
N GLU A 851 -24.25 -30.22 2.50
CA GLU A 851 -23.11 -31.12 2.56
C GLU A 851 -22.78 -31.64 1.15
N VAL A 852 -21.48 -31.83 0.89
CA VAL A 852 -21.01 -32.49 -0.33
C VAL A 852 -20.07 -33.63 0.03
N SER A 853 -20.04 -34.65 -0.83
CA SER A 853 -19.07 -35.74 -0.75
C SER A 853 -18.28 -35.78 -2.05
N MET A 854 -16.96 -35.64 -1.94
CA MET A 854 -16.09 -35.63 -3.10
C MET A 854 -15.28 -36.93 -3.10
N ASP A 855 -15.52 -37.79 -4.10
CA ASP A 855 -14.74 -39.04 -4.27
C ASP A 855 -13.56 -38.82 -5.22
N ILE A 856 -12.35 -38.96 -4.69
CA ILE A 856 -11.13 -38.67 -5.44
C ILE A 856 -10.25 -39.92 -5.44
N PRO A 857 -10.28 -40.71 -6.52
CA PRO A 857 -9.53 -41.97 -6.57
C PRO A 857 -8.04 -41.83 -6.29
N ALA A 858 -7.44 -40.74 -6.77
CA ALA A 858 -6.01 -40.49 -6.51
C ALA A 858 -5.70 -40.38 -5.02
N LEU A 859 -6.72 -40.07 -4.22
CA LEU A 859 -6.53 -39.93 -2.77
C LEU A 859 -7.18 -41.04 -1.96
N ALA A 860 -7.62 -42.10 -2.63
CA ALA A 860 -8.21 -43.26 -1.94
C ALA A 860 -7.12 -44.12 -1.34
N SER A 861 -7.50 -44.95 -0.36
CA SER A 861 -6.59 -45.90 0.28
C SER A 861 -5.43 -45.21 1.00
N MET A 862 -5.69 -44.03 1.55
CA MET A 862 -4.66 -43.27 2.26
C MET A 862 -5.06 -43.03 3.71
N GLY A 863 -4.14 -42.44 4.48
CA GLY A 863 -4.32 -42.30 5.92
C GLY A 863 -4.86 -40.97 6.38
N PHE A 864 -5.69 -40.33 5.56
CA PHE A 864 -6.21 -39.00 5.88
C PHE A 864 -7.10 -39.00 7.11
N GLU A 865 -6.93 -37.96 7.92
CA GLU A 865 -7.84 -37.66 9.01
C GLU A 865 -8.03 -36.15 9.08
N LEU A 866 -9.11 -35.73 9.71
CA LEU A 866 -9.36 -34.30 9.90
C LEU A 866 -8.21 -33.71 10.71
N HIS A 867 -7.79 -32.50 10.34
CA HIS A 867 -6.68 -31.82 10.99
C HIS A 867 -6.95 -31.73 12.51
N PRO A 868 -5.95 -32.04 13.36
CA PRO A 868 -6.15 -31.99 14.83
C PRO A 868 -6.80 -30.71 15.36
N VAL A 869 -6.45 -29.57 14.76
CA VAL A 869 -7.05 -28.28 15.11
C VAL A 869 -8.56 -28.27 14.81
N GLN A 870 -8.98 -28.85 13.69
CA GLN A 870 -10.41 -28.89 13.36
C GLN A 870 -11.18 -29.96 14.12
N VAL A 871 -10.53 -31.08 14.42
CA VAL A 871 -11.10 -32.09 15.32
C VAL A 871 -11.51 -31.43 16.64
N ASN A 872 -10.76 -30.40 17.04
CA ASN A 872 -10.94 -29.70 18.31
C ASN A 872 -11.64 -28.34 18.19
N SER A 873 -12.28 -28.08 17.06
CA SER A 873 -12.85 -26.77 16.79
C SER A 873 -14.07 -26.48 17.66
N SER A 874 -14.26 -25.20 18.01
CA SER A 874 -15.49 -24.79 18.68
C SER A 874 -16.68 -24.82 17.73
N ASP A 875 -16.42 -24.80 16.43
CA ASP A 875 -17.46 -24.94 15.42
C ASP A 875 -17.93 -26.39 15.35
N THR A 876 -19.20 -26.62 15.65
CA THR A 876 -19.76 -27.97 15.64
C THR A 876 -19.75 -28.58 14.24
N LEU A 877 -19.96 -27.76 13.21
CA LEU A 877 -20.09 -28.28 11.85
C LEU A 877 -18.81 -28.91 11.30
N VAL A 878 -17.69 -28.20 11.39
CA VAL A 878 -16.44 -28.69 10.79
C VAL A 878 -15.99 -30.01 11.41
N ARG A 879 -16.34 -30.22 12.67
CA ARG A 879 -16.01 -31.47 13.36
C ARG A 879 -16.71 -32.70 12.74
N LYS A 880 -17.76 -32.48 11.95
CA LYS A 880 -18.47 -33.56 11.27
C LYS A 880 -17.83 -33.97 9.95
N SER A 881 -16.79 -33.26 9.54
CA SER A 881 -16.06 -33.58 8.32
C SER A 881 -15.43 -34.97 8.43
N ALA A 882 -15.34 -35.69 7.32
CA ALA A 882 -14.85 -37.06 7.36
C ALA A 882 -14.20 -37.51 6.06
N TYR A 883 -13.28 -38.45 6.18
CA TYR A 883 -12.63 -39.12 5.05
C TYR A 883 -12.90 -40.63 5.13
N GLU A 884 -13.19 -41.24 3.99
CA GLU A 884 -13.34 -42.69 3.90
C GLU A 884 -12.36 -43.23 2.87
N ALA A 885 -11.41 -44.02 3.35
CA ALA A 885 -10.33 -44.55 2.54
C ALA A 885 -10.79 -45.40 1.36
N ALA A 886 -11.85 -46.19 1.56
CA ALA A 886 -12.29 -47.15 0.56
C ALA A 886 -12.55 -46.50 -0.80
N THR A 887 -13.12 -45.30 -0.78
CA THR A 887 -13.49 -44.58 -2.00
C THR A 887 -12.73 -43.26 -2.18
N GLY A 888 -11.86 -42.90 -1.24
CA GLY A 888 -11.21 -41.60 -1.25
C GLY A 888 -12.23 -40.49 -1.14
N ARG A 889 -13.21 -40.70 -0.26
CA ARG A 889 -14.35 -39.79 -0.14
C ARG A 889 -14.16 -38.81 1.00
N PHE A 890 -14.27 -37.52 0.65
CA PHE A 890 -14.19 -36.43 1.60
C PHE A 890 -15.59 -35.83 1.76
N THR A 891 -16.14 -35.92 2.97
CA THR A 891 -17.48 -35.43 3.24
C THR A 891 -17.35 -34.14 4.03
N VAL A 892 -17.93 -33.07 3.48
CA VAL A 892 -17.72 -31.73 4.00
C VAL A 892 -19.07 -31.03 4.14
N PRO A 893 -19.42 -30.58 5.36
CA PRO A 893 -20.68 -29.87 5.54
C PRO A 893 -20.80 -28.60 4.70
N GLY A 894 -22.02 -28.10 4.58
CA GLY A 894 -22.28 -26.86 3.86
C GLY A 894 -21.53 -25.68 4.45
N ARG A 895 -21.10 -24.77 3.57
CA ARG A 895 -20.42 -23.55 3.96
C ARG A 895 -19.25 -23.79 4.91
N THR A 896 -18.37 -24.71 4.54
CA THR A 896 -17.30 -25.16 5.43
C THR A 896 -16.00 -25.37 4.66
N VAL A 897 -14.89 -25.05 5.31
CA VAL A 897 -13.57 -25.42 4.81
C VAL A 897 -12.99 -26.50 5.71
N SER A 898 -12.68 -27.65 5.12
CA SER A 898 -12.19 -28.81 5.87
C SER A 898 -10.79 -29.18 5.41
N VAL A 899 -9.87 -29.33 6.38
CA VAL A 899 -8.48 -29.65 6.09
C VAL A 899 -8.17 -31.05 6.60
N PHE A 900 -7.63 -31.89 5.72
CA PHE A 900 -7.32 -33.27 6.05
C PHE A 900 -5.83 -33.47 5.90
N VAL A 901 -5.27 -34.28 6.80
CA VAL A 901 -3.83 -34.52 6.84
C VAL A 901 -3.59 -36.02 6.85
N GLU A 902 -2.50 -36.45 6.23
CA GLU A 902 -2.02 -37.83 6.37
C GLU A 902 -0.84 -37.84 7.32
N PRO A 903 -1.04 -38.29 8.57
CA PRO A 903 0.08 -38.34 9.52
C PRO A 903 1.17 -39.32 9.09
N ARG A 904 2.41 -38.97 9.37
CA ARG A 904 3.53 -39.88 9.17
C ARG A 904 3.63 -40.81 10.37
N CYS A 905 3.70 -42.11 10.10
CA CYS A 905 3.90 -43.14 11.13
C CYS A 905 2.68 -43.26 12.05
#